data_6RMR
#
_entry.id   6RMR
#
_cell.length_a   64.035
_cell.length_b   101.651
_cell.length_c   114.929
_cell.angle_alpha   90.000
_cell.angle_beta   90.000
_cell.angle_gamma   90.000
#
_symmetry.space_group_name_H-M   'P 21 21 21'
#
loop_
_entity.id
_entity.type
_entity.pdbx_description
1 polymer Glucose-1-phosphatase
2 non-polymer 'PENTAETHYLENE GLYCOL'
3 non-polymer 'ACETATE ION'
4 non-polymer 'ZINC ION'
5 non-polymer 1,2-ETHANEDIOL
6 water water
#
_entity_poly.entity_id   1
_entity_poly.type   'polypeptide(L)'
_entity_poly.pdbx_seq_one_letter_code
;QTVPEGYQLQQVLMMSRDNLRAPLANNGSVLEQSTPNKWPEWDVPGGQLTTKGGVLEVYMGHYMREWLAEQGMVKSGECP
PPYTVYAYANSLQRTVATAQFFITGAFPGCDIPVHHQEKMGTMDPTFNPVITDDSAAFSEQAVAAMEKELSKLQLTDSYQ
LLEKIVNYKDSPACKEKQQCSLVDGKNTFSAKYQQEPGVSGPLKVGNSLVDAFTLQYYEGFPMDQVAWGEIKSDQQWKVL
SKLKNGYQDSLFTSPEVARNVAKPLVSYIDKALVTDRTSAPKITVLVGHDSNIASLLTALDFKPYQLHDQNERTPIGGKI
VFQRWHDSKANRDLMKIEYVYQSAEQLRNADALTLQAPAQRVTLELSGCPIDADGFCPMDKFDSVLNEAVK
;
_entity_poly.pdbx_strand_id   A,B
#
# COMPACT_ATOMS: atom_id res chain seq x y z
N GLN A 1 -19.32 5.77 -18.26
CA GLN A 1 -19.39 6.81 -17.25
C GLN A 1 -20.84 7.25 -17.02
N THR A 2 -21.68 7.10 -18.05
CA THR A 2 -23.06 7.53 -17.97
C THR A 2 -23.91 6.40 -17.41
N VAL A 3 -24.73 6.72 -16.40
CA VAL A 3 -25.58 5.72 -15.77
C VAL A 3 -27.04 6.14 -15.99
N PRO A 4 -27.82 5.36 -16.74
CA PRO A 4 -29.21 5.74 -17.02
C PRO A 4 -30.02 5.90 -15.74
N GLU A 5 -31.07 6.71 -15.83
CA GLU A 5 -31.88 7.01 -14.66
C GLU A 5 -32.56 5.76 -14.14
N GLY A 6 -32.52 5.58 -12.82
CA GLY A 6 -33.11 4.43 -12.18
C GLY A 6 -32.19 3.24 -12.03
N TYR A 7 -31.00 3.27 -12.62
CA TYR A 7 -30.08 2.14 -12.52
C TYR A 7 -29.36 2.18 -11.18
N GLN A 8 -29.39 1.04 -10.47
CA GLN A 8 -28.72 0.90 -9.18
C GLN A 8 -27.77 -0.29 -9.26
N LEU A 9 -26.48 -0.03 -9.05
CA LEU A 9 -25.48 -1.10 -9.00
C LEU A 9 -25.75 -1.99 -7.80
N GLN A 10 -25.95 -3.28 -8.04
CA GLN A 10 -26.28 -4.24 -6.99
C GLN A 10 -25.17 -5.20 -6.63
N GLN A 11 -24.42 -5.71 -7.61
CA GLN A 11 -23.40 -6.72 -7.34
C GLN A 11 -22.22 -6.51 -8.28
N VAL A 12 -21.02 -6.84 -7.78
CA VAL A 12 -19.79 -6.66 -8.54
C VAL A 12 -18.86 -7.82 -8.23
N LEU A 13 -18.30 -8.42 -9.29
CA LEU A 13 -17.24 -9.42 -9.18
C LEU A 13 -16.08 -8.96 -10.04
N MET A 14 -14.87 -8.97 -9.48
CA MET A 14 -13.68 -8.51 -10.18
C MET A 14 -12.73 -9.68 -10.39
N MET A 15 -12.40 -9.95 -11.64
CA MET A 15 -11.38 -10.92 -12.00
C MET A 15 -10.05 -10.19 -12.15
N SER A 16 -9.07 -10.53 -11.30
CA SER A 16 -7.80 -9.82 -11.26
C SER A 16 -6.66 -10.83 -11.36
N ARG A 17 -5.47 -10.31 -11.64
CA ARG A 17 -4.26 -11.11 -11.66
C ARG A 17 -3.24 -10.50 -10.70
N ASP A 18 -2.14 -11.23 -10.51
CA ASP A 18 -1.06 -10.72 -9.68
C ASP A 18 -0.49 -9.44 -10.30
N ASN A 19 -0.03 -8.54 -9.43
CA ASN A 19 0.53 -7.28 -9.90
C ASN A 19 1.99 -7.45 -10.30
N LEU A 20 2.76 -6.37 -10.23
CA LEU A 20 4.13 -6.37 -10.68
C LEU A 20 4.99 -7.26 -9.78
N ARG A 21 5.65 -8.25 -10.39
CA ARG A 21 6.44 -9.25 -9.67
C ARG A 21 7.89 -9.20 -10.15
N ALA A 22 8.76 -9.91 -9.43
CA ALA A 22 10.14 -10.08 -9.86
C ALA A 22 10.24 -11.27 -10.81
N PRO A 23 10.90 -11.13 -11.95
CA PRO A 23 10.98 -12.24 -12.90
C PRO A 23 11.79 -13.41 -12.36
N LEU A 24 11.35 -14.61 -12.73
CA LEU A 24 12.00 -15.87 -12.38
C LEU A 24 13.04 -16.18 -13.45
N ALA A 25 14.31 -15.93 -13.15
CA ALA A 25 15.36 -16.11 -14.16
C ALA A 25 15.98 -17.50 -14.04
N VAL A 30 16.46 -18.98 -18.98
CA VAL A 30 16.33 -18.43 -20.32
C VAL A 30 16.98 -17.05 -20.39
N LEU A 31 16.78 -16.25 -19.33
CA LEU A 31 17.26 -14.86 -19.34
C LEU A 31 18.78 -14.80 -19.37
N GLU A 32 19.46 -15.65 -18.58
CA GLU A 32 20.91 -15.58 -18.50
C GLU A 32 21.58 -16.18 -19.73
N GLN A 33 21.03 -17.27 -20.27
CA GLN A 33 21.64 -17.93 -21.42
C GLN A 33 21.43 -17.16 -22.71
N SER A 34 20.46 -16.25 -22.75
CA SER A 34 20.09 -15.56 -23.98
C SER A 34 20.87 -14.27 -24.21
N THR A 35 21.78 -13.90 -23.31
CA THR A 35 22.50 -12.64 -23.44
C THR A 35 23.84 -12.73 -22.74
N PRO A 36 24.84 -11.98 -23.19
CA PRO A 36 26.08 -11.85 -22.40
C PRO A 36 25.99 -10.79 -21.33
N ASN A 37 25.04 -9.87 -21.42
CA ASN A 37 24.95 -8.74 -20.49
C ASN A 37 24.51 -9.21 -19.10
N LYS A 38 24.74 -8.34 -18.12
CA LYS A 38 24.36 -8.59 -16.73
C LYS A 38 22.97 -8.00 -16.47
N TRP A 39 22.06 -8.83 -15.97
CA TRP A 39 20.72 -8.36 -15.65
C TRP A 39 20.74 -7.54 -14.35
N PRO A 40 20.03 -6.42 -14.31
CA PRO A 40 19.96 -5.63 -13.08
C PRO A 40 19.24 -6.36 -11.96
N GLU A 41 19.65 -6.05 -10.73
CA GLU A 41 19.18 -6.76 -9.55
C GLU A 41 17.85 -6.20 -9.06
N TRP A 42 17.05 -7.08 -8.46
CA TRP A 42 15.76 -6.71 -7.89
C TRP A 42 15.81 -6.84 -6.37
N ASP A 43 14.96 -6.05 -5.70
CA ASP A 43 14.95 -6.04 -4.24
C ASP A 43 14.28 -7.27 -3.65
N VAL A 44 13.51 -8.02 -4.44
CA VAL A 44 12.73 -9.15 -3.94
C VAL A 44 13.13 -10.41 -4.70
N PRO A 45 12.96 -11.59 -4.11
CA PRO A 45 13.23 -12.83 -4.84
C PRO A 45 12.32 -12.98 -6.06
N GLY A 46 12.77 -13.81 -7.00
CA GLY A 46 12.02 -13.99 -8.22
C GLY A 46 10.67 -14.64 -7.95
N GLY A 47 9.65 -14.17 -8.67
CA GLY A 47 8.30 -14.66 -8.51
C GLY A 47 7.52 -14.03 -7.37
N GLN A 48 8.17 -13.26 -6.50
CA GLN A 48 7.49 -12.56 -5.44
C GLN A 48 7.00 -11.19 -5.91
N LEU A 49 5.95 -10.70 -5.27
CA LEU A 49 5.42 -9.39 -5.60
C LEU A 49 6.39 -8.31 -5.13
N THR A 50 6.60 -7.31 -5.98
CA THR A 50 7.44 -6.18 -5.61
C THR A 50 6.64 -5.15 -4.83
N THR A 51 7.37 -4.29 -4.11
CA THR A 51 6.72 -3.22 -3.36
C THR A 51 5.97 -2.27 -4.28
N LYS A 52 6.56 -1.94 -5.43
CA LYS A 52 5.87 -1.11 -6.41
C LYS A 52 4.57 -1.77 -6.87
N GLY A 53 4.59 -3.09 -7.04
CA GLY A 53 3.37 -3.79 -7.39
C GLY A 53 2.29 -3.67 -6.34
N GLY A 54 2.68 -3.78 -5.06
CA GLY A 54 1.72 -3.56 -3.99
C GLY A 54 1.17 -2.14 -3.97
N VAL A 55 2.05 -1.16 -4.21
CA VAL A 55 1.62 0.23 -4.25
C VAL A 55 0.65 0.46 -5.40
N LEU A 56 0.93 -0.13 -6.57
CA LEU A 56 0.01 0.00 -7.70
C LEU A 56 -1.33 -0.64 -7.40
N GLU A 57 -1.32 -1.79 -6.72
CA GLU A 57 -2.57 -2.42 -6.32
C GLU A 57 -3.32 -1.57 -5.30
N VAL A 58 -2.60 -0.87 -4.42
CA VAL A 58 -3.24 0.00 -3.44
C VAL A 58 -4.00 1.12 -4.15
N TYR A 59 -3.34 1.78 -5.11
CA TYR A 59 -3.99 2.85 -5.86
C TYR A 59 -5.24 2.35 -6.58
N MET A 60 -5.15 1.18 -7.24
CA MET A 60 -6.32 0.63 -7.89
C MET A 60 -7.40 0.28 -6.89
N GLY A 61 -7.00 -0.18 -5.70
CA GLY A 61 -7.97 -0.47 -4.66
C GLY A 61 -8.72 0.77 -4.20
N HIS A 62 -8.00 1.89 -4.05
CA HIS A 62 -8.65 3.13 -3.64
C HIS A 62 -9.61 3.63 -4.71
N TYR A 63 -9.21 3.55 -5.99
CA TYR A 63 -10.12 3.97 -7.05
C TYR A 63 -11.38 3.13 -7.06
N MET A 64 -11.25 1.81 -6.93
CA MET A 64 -12.41 0.94 -6.94
C MET A 64 -13.32 1.25 -5.76
N ARG A 65 -12.74 1.61 -4.62
CA ARG A 65 -13.54 2.03 -3.48
C ARG A 65 -14.32 3.31 -3.80
N GLU A 66 -13.66 4.29 -4.42
CA GLU A 66 -14.34 5.52 -4.79
C GLU A 66 -15.47 5.26 -5.79
N TRP A 67 -15.22 4.42 -6.79
CA TRP A 67 -16.27 4.13 -7.77
C TRP A 67 -17.43 3.39 -7.15
N LEU A 68 -17.15 2.40 -6.29
CA LEU A 68 -18.22 1.66 -5.63
C LEU A 68 -19.06 2.58 -4.74
N ALA A 69 -18.41 3.51 -4.04
CA ALA A 69 -19.13 4.45 -3.19
C ALA A 69 -19.98 5.41 -4.02
N GLU A 70 -19.46 5.83 -5.17
CA GLU A 70 -20.24 6.72 -6.04
C GLU A 70 -21.53 6.07 -6.51
N GLN A 71 -21.54 4.74 -6.65
CA GLN A 71 -22.73 4.02 -7.09
C GLN A 71 -23.54 3.44 -5.93
N GLY A 72 -23.17 3.77 -4.69
CA GLY A 72 -23.96 3.37 -3.54
C GLY A 72 -23.77 1.94 -3.07
N MET A 73 -22.75 1.24 -3.56
CA MET A 73 -22.53 -0.13 -3.10
C MET A 73 -22.02 -0.16 -1.67
N VAL A 74 -21.07 0.72 -1.33
CA VAL A 74 -20.53 0.83 0.01
C VAL A 74 -20.52 2.30 0.40
N LYS A 75 -20.60 2.56 1.70
CA LYS A 75 -20.57 3.92 2.22
C LYS A 75 -19.12 4.31 2.50
N SER A 76 -18.68 5.41 1.88
CA SER A 76 -17.30 5.87 2.06
C SER A 76 -17.10 6.32 3.50
N GLY A 77 -15.99 5.90 4.10
CA GLY A 77 -15.66 6.25 5.47
C GLY A 77 -16.20 5.29 6.51
N GLU A 78 -17.07 4.36 6.14
CA GLU A 78 -17.55 3.32 7.03
C GLU A 78 -17.26 1.95 6.44
N CYS A 79 -16.81 1.03 7.28
CA CYS A 79 -16.56 -0.33 6.82
C CYS A 79 -17.88 -1.00 6.44
N PRO A 80 -17.94 -1.70 5.31
CA PRO A 80 -19.17 -2.39 4.93
C PRO A 80 -19.54 -3.43 5.98
N PRO A 81 -20.79 -3.90 6.00
CA PRO A 81 -21.18 -4.95 6.93
C PRO A 81 -20.34 -6.20 6.74
N PRO A 82 -20.24 -7.06 7.75
CA PRO A 82 -19.46 -8.29 7.61
C PRO A 82 -20.01 -9.12 6.47
N TYR A 83 -19.11 -9.86 5.80
CA TYR A 83 -19.42 -10.72 4.67
C TYR A 83 -19.94 -9.95 3.45
N THR A 84 -19.78 -8.62 3.42
CA THR A 84 -20.17 -7.88 2.23
C THR A 84 -19.14 -8.08 1.12
N VAL A 85 -17.86 -8.03 1.47
CA VAL A 85 -16.75 -8.14 0.52
C VAL A 85 -16.11 -9.51 0.73
N TYR A 86 -15.89 -10.24 -0.37
CA TYR A 86 -15.24 -11.54 -0.33
C TYR A 86 -14.04 -11.51 -1.26
N ALA A 87 -12.85 -11.70 -0.70
CA ALA A 87 -11.61 -11.73 -1.45
C ALA A 87 -11.06 -13.15 -1.50
N TYR A 88 -10.74 -13.63 -2.70
CA TYR A 88 -10.30 -15.00 -2.91
C TYR A 88 -9.14 -14.97 -3.88
N ALA A 89 -7.98 -15.46 -3.44
CA ALA A 89 -6.77 -15.44 -4.23
C ALA A 89 -6.19 -16.84 -4.36
N ASN A 90 -5.44 -17.06 -5.43
CA ASN A 90 -4.69 -18.30 -5.58
C ASN A 90 -3.62 -18.39 -4.50
N SER A 91 -3.38 -19.60 -4.01
CA SER A 91 -2.48 -19.81 -2.88
C SER A 91 -1.01 -19.71 -3.31
N LEU A 92 -0.68 -18.55 -3.86
CA LEU A 92 0.69 -18.16 -4.18
C LEU A 92 0.97 -16.83 -3.49
N GLN A 93 2.25 -16.54 -3.24
CA GLN A 93 2.58 -15.33 -2.49
C GLN A 93 2.12 -14.07 -3.23
N ARG A 94 2.42 -13.99 -4.53
CA ARG A 94 2.10 -12.77 -5.27
C ARG A 94 0.60 -12.56 -5.42
N THR A 95 -0.18 -13.64 -5.57
CA THR A 95 -1.63 -13.47 -5.68
C THR A 95 -2.25 -13.08 -4.35
N VAL A 96 -1.83 -13.74 -3.26
CA VAL A 96 -2.33 -13.39 -1.94
C VAL A 96 -1.91 -11.96 -1.57
N ALA A 97 -0.65 -11.61 -1.86
CA ALA A 97 -0.17 -10.27 -1.55
C ALA A 97 -0.91 -9.22 -2.38
N THR A 98 -1.14 -9.51 -3.67
CA THR A 98 -1.93 -8.60 -4.50
C THR A 98 -3.30 -8.36 -3.91
N ALA A 99 -3.97 -9.42 -3.46
CA ALA A 99 -5.28 -9.28 -2.85
C ALA A 99 -5.21 -8.46 -1.56
N GLN A 100 -4.18 -8.69 -0.75
CA GLN A 100 -4.03 -7.95 0.50
C GLN A 100 -3.88 -6.46 0.24
N PHE A 101 -3.04 -6.10 -0.73
CA PHE A 101 -2.84 -4.68 -1.04
C PHE A 101 -4.11 -4.05 -1.60
N PHE A 102 -4.83 -4.77 -2.47
CA PHE A 102 -6.06 -4.24 -3.03
C PHE A 102 -7.11 -4.05 -1.95
N ILE A 103 -7.29 -5.05 -1.10
CA ILE A 103 -8.32 -4.97 -0.06
C ILE A 103 -7.99 -3.86 0.94
N THR A 104 -6.73 -3.76 1.33
CA THR A 104 -6.33 -2.70 2.25
C THR A 104 -6.44 -1.33 1.60
N GLY A 105 -6.11 -1.24 0.31
CA GLY A 105 -6.28 0.01 -0.40
C GLY A 105 -7.74 0.39 -0.59
N ALA A 106 -8.60 -0.61 -0.75
CA ALA A 106 -10.02 -0.33 -0.94
C ALA A 106 -10.73 -0.11 0.39
N PHE A 107 -10.44 -0.93 1.40
CA PHE A 107 -11.10 -0.85 2.70
C PHE A 107 -10.06 -0.78 3.81
N PRO A 108 -9.31 0.32 3.88
CA PRO A 108 -8.32 0.46 4.96
C PRO A 108 -8.99 0.52 6.32
N GLY A 109 -8.48 -0.29 7.26
CA GLY A 109 -9.01 -0.33 8.60
C GLY A 109 -10.15 -1.30 8.83
N CYS A 110 -10.55 -2.05 7.80
CA CYS A 110 -11.61 -3.04 7.94
C CYS A 110 -11.01 -4.43 8.14
N ASP A 111 -11.85 -5.35 8.61
CA ASP A 111 -11.45 -6.72 8.86
C ASP A 111 -11.96 -7.63 7.75
N ILE A 112 -11.32 -7.51 6.59
CA ILE A 112 -11.68 -8.26 5.39
C ILE A 112 -10.52 -9.21 5.08
N PRO A 113 -10.66 -10.51 5.33
CA PRO A 113 -9.56 -11.44 5.09
C PRO A 113 -9.47 -11.87 3.64
N VAL A 114 -8.26 -12.23 3.23
CA VAL A 114 -8.00 -12.78 1.90
C VAL A 114 -8.04 -14.30 2.02
N HIS A 115 -9.05 -14.92 1.40
CA HIS A 115 -9.20 -16.36 1.47
C HIS A 115 -8.29 -17.07 0.47
N HIS A 116 -7.69 -18.17 0.91
CA HIS A 116 -6.83 -19.00 0.08
C HIS A 116 -6.74 -20.37 0.72
N GLN A 117 -6.54 -21.40 -0.10
CA GLN A 117 -6.40 -22.74 0.43
C GLN A 117 -5.14 -22.85 1.28
N GLU A 118 -5.12 -23.85 2.16
CA GLU A 118 -4.08 -23.92 3.19
C GLU A 118 -2.70 -24.17 2.59
N LYS A 119 -2.62 -24.97 1.52
CA LYS A 119 -1.35 -25.38 0.95
C LYS A 119 -0.78 -24.25 0.10
N MET A 120 -0.13 -23.31 0.78
CA MET A 120 0.55 -22.22 0.08
C MET A 120 1.71 -22.77 -0.74
N GLY A 121 2.02 -22.07 -1.82
CA GLY A 121 3.02 -22.53 -2.77
C GLY A 121 2.52 -23.50 -3.81
N THR A 122 1.28 -24.00 -3.67
CA THR A 122 0.67 -24.89 -4.63
C THR A 122 -0.50 -24.20 -5.31
N MET A 123 -0.79 -24.63 -6.53
CA MET A 123 -1.87 -24.01 -7.29
C MET A 123 -3.23 -24.41 -6.72
N ASP A 124 -4.14 -23.44 -6.66
CA ASP A 124 -5.54 -23.73 -6.35
C ASP A 124 -6.23 -24.17 -7.64
N PRO A 125 -6.95 -25.29 -7.62
CA PRO A 125 -7.63 -25.75 -8.85
C PRO A 125 -8.52 -24.70 -9.48
N THR A 126 -9.11 -23.81 -8.68
CA THR A 126 -9.93 -22.74 -9.24
C THR A 126 -9.09 -21.80 -10.11
N PHE A 127 -7.84 -21.55 -9.71
CA PHE A 127 -6.97 -20.65 -10.44
C PHE A 127 -5.89 -21.38 -11.24
N ASN A 128 -5.95 -22.71 -11.30
CA ASN A 128 -4.93 -23.50 -11.97
C ASN A 128 -5.37 -23.73 -13.42
N PRO A 129 -4.75 -23.05 -14.40
CA PRO A 129 -5.17 -23.18 -15.80
C PRO A 129 -4.65 -24.46 -16.46
N VAL A 130 -4.87 -25.59 -15.79
CA VAL A 130 -4.37 -26.88 -16.28
C VAL A 130 -5.45 -27.56 -17.12
N ILE A 131 -5.02 -28.44 -18.00
CA ILE A 131 -5.92 -29.14 -18.90
C ILE A 131 -6.55 -30.32 -18.16
N THR A 132 -7.89 -30.41 -18.21
CA THR A 132 -8.62 -31.46 -17.53
C THR A 132 -9.21 -32.49 -18.48
N ASP A 133 -8.95 -32.42 -19.78
CA ASP A 133 -9.46 -33.38 -20.75
C ASP A 133 -8.29 -34.25 -21.20
N ASP A 134 -8.31 -35.52 -20.79
CA ASP A 134 -7.24 -36.47 -21.05
C ASP A 134 -7.39 -37.20 -22.39
N SER A 135 -8.46 -36.97 -23.12
CA SER A 135 -8.68 -37.65 -24.40
C SER A 135 -7.64 -37.22 -25.43
N ALA A 136 -7.29 -38.15 -26.31
CA ALA A 136 -6.33 -37.86 -27.37
C ALA A 136 -6.88 -36.85 -28.35
N ALA A 137 -8.18 -36.94 -28.67
CA ALA A 137 -8.79 -35.99 -29.59
C ALA A 137 -8.67 -34.55 -29.08
N PHE A 138 -8.81 -34.36 -27.76
CA PHE A 138 -8.67 -33.04 -27.19
C PHE A 138 -7.27 -32.48 -27.38
N SER A 139 -6.25 -33.28 -27.09
CA SER A 139 -4.87 -32.80 -27.22
C SER A 139 -4.53 -32.48 -28.68
N GLU A 140 -5.00 -33.32 -29.61
CA GLU A 140 -4.74 -33.05 -31.03
C GLU A 140 -5.35 -31.72 -31.45
N GLN A 141 -6.64 -31.53 -31.14
CA GLN A 141 -7.30 -30.29 -31.53
C GLN A 141 -6.73 -29.09 -30.80
N ALA A 142 -6.31 -29.27 -29.54
CA ALA A 142 -5.74 -28.17 -28.77
C ALA A 142 -4.42 -27.70 -29.39
N VAL A 143 -3.53 -28.64 -29.69
CA VAL A 143 -2.25 -28.28 -30.30
C VAL A 143 -2.48 -27.65 -31.66
N ALA A 144 -3.41 -28.20 -32.45
CA ALA A 144 -3.72 -27.62 -33.75
C ALA A 144 -4.20 -26.19 -33.62
N ALA A 145 -5.04 -25.92 -32.62
CA ALA A 145 -5.55 -24.57 -32.41
C ALA A 145 -4.43 -23.61 -32.01
N MET A 146 -3.49 -24.07 -31.17
CA MET A 146 -2.37 -23.23 -30.78
C MET A 146 -1.48 -22.89 -31.98
N GLU A 147 -1.16 -23.90 -32.79
CA GLU A 147 -0.33 -23.65 -33.97
C GLU A 147 -1.07 -22.76 -34.98
N LYS A 148 -2.37 -22.98 -35.15
CA LYS A 148 -3.15 -22.10 -36.02
C LYS A 148 -3.13 -20.68 -35.51
N GLU A 149 -3.27 -20.50 -34.19
CA GLU A 149 -3.25 -19.17 -33.61
C GLU A 149 -1.89 -18.50 -33.83
N LEU A 150 -0.80 -19.24 -33.63
CA LEU A 150 0.53 -18.68 -33.84
C LEU A 150 0.77 -18.38 -35.32
N SER A 151 0.23 -19.19 -36.22
CA SER A 151 0.47 -19.01 -37.65
C SER A 151 0.03 -17.64 -38.14
N LYS A 152 -0.97 -17.04 -37.49
CA LYS A 152 -1.47 -15.74 -37.93
C LYS A 152 -0.48 -14.61 -37.63
N LEU A 153 0.42 -14.80 -36.67
CA LEU A 153 1.30 -13.73 -36.22
C LEU A 153 2.58 -13.68 -37.04
N GLN A 154 3.07 -12.47 -37.28
CA GLN A 154 4.33 -12.22 -37.96
C GLN A 154 5.30 -11.64 -36.94
N LEU A 155 6.27 -12.46 -36.53
CA LEU A 155 7.16 -12.10 -35.42
C LEU A 155 8.62 -11.96 -35.86
N THR A 156 8.88 -11.92 -37.17
CA THR A 156 10.27 -11.89 -37.63
C THR A 156 10.97 -10.61 -37.20
N ASP A 157 10.31 -9.46 -37.38
CA ASP A 157 10.90 -8.21 -36.96
C ASP A 157 11.08 -8.15 -35.44
N SER A 158 10.16 -8.77 -34.70
CA SER A 158 10.29 -8.80 -33.24
C SER A 158 11.52 -9.57 -32.81
N TYR A 159 11.75 -10.73 -33.43
CA TYR A 159 12.93 -11.53 -33.12
C TYR A 159 14.21 -10.79 -33.46
N GLN A 160 14.23 -10.09 -34.60
CA GLN A 160 15.42 -9.34 -35.01
C GLN A 160 15.73 -8.23 -34.01
N LEU A 161 14.72 -7.46 -33.62
CA LEU A 161 14.92 -6.38 -32.66
C LEU A 161 15.36 -6.92 -31.31
N LEU A 162 14.78 -8.05 -30.88
CA LEU A 162 15.16 -8.64 -29.60
C LEU A 162 16.61 -9.12 -29.61
N GLU A 163 17.01 -9.79 -30.70
CA GLU A 163 18.38 -10.26 -30.83
C GLU A 163 19.37 -9.10 -30.78
N LYS A 164 19.03 -7.98 -31.42
CA LYS A 164 19.88 -6.80 -31.36
C LYS A 164 19.95 -6.23 -29.95
N ILE A 165 18.83 -6.23 -29.24
CA ILE A 165 18.79 -5.63 -27.91
C ILE A 165 19.63 -6.44 -26.92
N VAL A 166 19.52 -7.78 -26.97
CA VAL A 166 20.18 -8.62 -26.00
C VAL A 166 21.59 -9.04 -26.43
N ASN A 167 22.02 -8.65 -27.62
CA ASN A 167 23.30 -9.09 -28.19
C ASN A 167 23.35 -10.61 -28.23
N TYR A 168 22.36 -11.18 -28.91
CA TYR A 168 22.13 -12.62 -28.88
C TYR A 168 23.31 -13.39 -29.47
N LYS A 169 24.04 -12.78 -30.43
CA LYS A 169 25.14 -13.46 -31.08
C LYS A 169 26.24 -13.84 -30.08
N ASP A 170 26.46 -13.03 -29.06
CA ASP A 170 27.51 -13.28 -28.08
C ASP A 170 26.99 -13.99 -26.82
N SER A 171 25.79 -14.55 -26.88
CA SER A 171 25.19 -15.19 -25.72
C SER A 171 25.72 -16.61 -25.55
N PRO A 172 25.58 -17.19 -24.35
CA PRO A 172 25.98 -18.60 -24.18
C PRO A 172 25.27 -19.56 -25.10
N ALA A 173 23.98 -19.32 -25.38
CA ALA A 173 23.21 -20.20 -26.25
C ALA A 173 23.67 -20.13 -27.71
N CYS A 174 24.52 -19.17 -28.06
CA CYS A 174 24.97 -18.98 -29.43
C CYS A 174 26.44 -19.31 -29.67
N LYS A 175 27.25 -19.43 -28.64
CA LYS A 175 28.67 -19.72 -28.85
C LYS A 175 28.85 -21.05 -29.56
N GLU A 176 29.93 -21.14 -30.33
CA GLU A 176 30.29 -22.24 -31.24
C GLU A 176 29.45 -22.24 -32.51
N LYS A 177 28.52 -21.30 -32.68
CA LYS A 177 27.64 -21.25 -33.84
C LYS A 177 28.01 -20.08 -34.73
N GLN A 178 28.08 -20.34 -36.04
CA GLN A 178 28.36 -19.27 -36.99
C GLN A 178 27.15 -18.36 -37.17
N GLN A 179 26.00 -18.96 -37.48
CA GLN A 179 24.74 -18.24 -37.57
C GLN A 179 23.84 -18.64 -36.41
N CYS A 180 23.27 -17.65 -35.74
CA CYS A 180 22.44 -17.86 -34.55
C CYS A 180 21.23 -16.94 -34.66
N SER A 181 20.06 -17.51 -34.93
CA SER A 181 18.85 -16.73 -35.10
C SER A 181 17.66 -17.39 -34.43
N LEU A 182 16.82 -16.56 -33.81
CA LEU A 182 15.53 -16.98 -33.29
C LEU A 182 14.43 -16.94 -34.35
N VAL A 183 14.69 -16.27 -35.48
CA VAL A 183 13.68 -16.12 -36.53
C VAL A 183 13.30 -17.47 -37.12
N ASP A 184 14.27 -18.34 -37.34
CA ASP A 184 14.03 -19.62 -37.99
C ASP A 184 13.79 -20.76 -37.00
N GLY A 185 13.70 -20.45 -35.71
CA GLY A 185 13.50 -21.49 -34.72
C GLY A 185 12.09 -22.07 -34.77
N LYS A 186 11.98 -23.33 -34.37
CA LYS A 186 10.72 -24.05 -34.40
C LYS A 186 10.05 -24.00 -33.03
N ASN A 187 8.73 -23.88 -33.03
CA ASN A 187 7.93 -23.87 -31.81
C ASN A 187 7.12 -25.16 -31.73
N THR A 188 7.22 -25.85 -30.60
CA THR A 188 6.48 -27.08 -30.36
C THR A 188 5.54 -26.85 -29.19
N PHE A 189 4.24 -26.99 -29.44
CA PHE A 189 3.23 -26.78 -28.42
C PHE A 189 2.91 -28.08 -27.69
N SER A 190 2.46 -27.94 -26.45
CA SER A 190 2.10 -29.07 -25.61
C SER A 190 0.75 -28.81 -24.98
N ALA A 191 -0.08 -29.86 -24.91
CA ALA A 191 -1.41 -29.80 -24.32
C ALA A 191 -1.63 -31.09 -23.52
N LYS A 192 -0.87 -31.24 -22.44
CA LYS A 192 -0.91 -32.45 -21.64
C LYS A 192 -1.95 -32.34 -20.52
N TYR A 193 -2.49 -33.48 -20.14
CA TYR A 193 -3.52 -33.55 -19.11
C TYR A 193 -2.96 -33.13 -17.76
N GLN A 194 -3.79 -32.45 -16.97
CA GLN A 194 -3.41 -31.95 -15.64
C GLN A 194 -2.21 -31.02 -15.71
N GLN A 195 -1.98 -30.38 -16.86
CA GLN A 195 -0.89 -29.43 -17.00
C GLN A 195 -1.37 -28.25 -17.83
N GLU A 196 -0.60 -27.16 -17.77
CA GLU A 196 -0.93 -25.97 -18.52
C GLU A 196 -0.48 -26.11 -19.98
N PRO A 197 -1.21 -25.52 -20.91
CA PRO A 197 -0.74 -25.47 -22.30
C PRO A 197 0.57 -24.68 -22.39
N GLY A 198 1.58 -25.30 -22.99
CA GLY A 198 2.90 -24.71 -23.05
C GLY A 198 3.45 -24.73 -24.46
N VAL A 199 4.59 -24.07 -24.62
CA VAL A 199 5.30 -24.00 -25.89
C VAL A 199 6.79 -23.92 -25.62
N SER A 200 7.58 -24.58 -26.44
CA SER A 200 9.03 -24.50 -26.41
C SER A 200 9.53 -23.90 -27.72
N GLY A 201 10.59 -23.10 -27.64
CA GLY A 201 11.17 -22.51 -28.82
C GLY A 201 11.40 -21.02 -28.68
N PRO A 202 11.56 -20.33 -29.82
CA PRO A 202 11.81 -18.87 -29.75
C PRO A 202 10.66 -18.08 -29.17
N LEU A 203 9.42 -18.61 -29.23
CA LEU A 203 8.29 -17.91 -28.64
C LEU A 203 8.45 -17.78 -27.13
N LYS A 204 8.87 -18.86 -26.47
CA LYS A 204 9.08 -18.80 -25.03
C LYS A 204 10.27 -17.91 -24.68
N VAL A 205 11.34 -17.98 -25.46
CA VAL A 205 12.52 -17.14 -25.20
C VAL A 205 12.15 -15.67 -25.35
N GLY A 206 11.46 -15.33 -26.44
CA GLY A 206 11.07 -13.94 -26.66
C GLY A 206 10.09 -13.43 -25.62
N ASN A 207 9.13 -14.27 -25.24
CA ASN A 207 8.16 -13.90 -24.21
C ASN A 207 8.85 -13.62 -22.88
N SER A 208 9.80 -14.48 -22.49
CA SER A 208 10.51 -14.29 -21.23
C SER A 208 11.33 -13.00 -21.24
N LEU A 209 12.01 -12.72 -22.35
CA LEU A 209 12.85 -11.53 -22.41
C LEU A 209 12.01 -10.26 -22.39
N VAL A 210 10.97 -10.19 -23.21
CA VAL A 210 10.13 -8.99 -23.27
C VAL A 210 9.35 -8.83 -21.97
N ASP A 211 8.94 -9.94 -21.34
CA ASP A 211 8.26 -9.83 -20.05
C ASP A 211 9.20 -9.26 -18.99
N ALA A 212 10.46 -9.71 -18.98
CA ALA A 212 11.43 -9.16 -18.06
C ALA A 212 11.61 -7.66 -18.29
N PHE A 213 11.72 -7.25 -19.56
CA PHE A 213 11.88 -5.84 -19.87
C PHE A 213 10.65 -5.04 -19.45
N THR A 214 9.45 -5.61 -19.65
CA THR A 214 8.23 -4.93 -19.24
C THR A 214 8.17 -4.75 -17.74
N LEU A 215 8.59 -5.77 -16.98
CA LEU A 215 8.60 -5.65 -15.52
C LEU A 215 9.63 -4.61 -15.06
N GLN A 216 10.78 -4.55 -15.73
CA GLN A 216 11.77 -3.51 -15.40
C GLN A 216 11.19 -2.12 -15.62
N TYR A 217 10.46 -1.93 -16.72
CA TYR A 217 9.87 -0.63 -17.03
C TYR A 217 8.87 -0.22 -15.96
N TYR A 218 7.97 -1.12 -15.58
CA TYR A 218 6.96 -0.80 -14.58
C TYR A 218 7.57 -0.65 -13.19
N GLU A 219 8.65 -1.39 -12.90
CA GLU A 219 9.28 -1.30 -11.59
C GLU A 219 9.84 0.08 -11.29
N GLY A 220 10.11 0.88 -12.32
CA GLY A 220 10.66 2.20 -12.14
C GLY A 220 12.17 2.29 -12.25
N PHE A 221 12.83 1.25 -12.78
CA PHE A 221 14.26 1.27 -13.04
C PHE A 221 14.63 2.49 -13.88
N PRO A 222 15.82 3.06 -13.69
CA PRO A 222 16.28 4.09 -14.62
C PRO A 222 16.27 3.56 -16.05
N MET A 223 16.00 4.46 -17.01
CA MET A 223 15.79 4.03 -18.38
C MET A 223 17.00 3.32 -18.96
N ASP A 224 18.22 3.66 -18.52
CA ASP A 224 19.39 2.96 -19.01
C ASP A 224 19.51 1.54 -18.45
N GLN A 225 18.72 1.20 -17.43
CA GLN A 225 18.72 -0.15 -16.86
C GLN A 225 17.49 -0.95 -17.28
N VAL A 226 16.71 -0.45 -18.23
CA VAL A 226 15.57 -1.18 -18.79
C VAL A 226 15.99 -1.67 -20.15
N ALA A 227 16.21 -2.99 -20.27
CA ALA A 227 16.76 -3.61 -21.48
C ALA A 227 18.11 -2.97 -21.85
N TRP A 228 18.87 -2.57 -20.83
CA TRP A 228 20.17 -1.94 -21.01
C TRP A 228 20.08 -0.66 -21.84
N GLY A 229 18.94 0.02 -21.76
CA GLY A 229 18.76 1.27 -22.48
C GLY A 229 18.59 1.14 -23.97
N GLU A 230 18.39 -0.08 -24.48
CA GLU A 230 18.38 -0.31 -25.92
C GLU A 230 17.05 0.02 -26.57
N ILE A 231 15.95 -0.07 -25.83
CA ILE A 231 14.63 0.26 -26.37
C ILE A 231 14.50 1.78 -26.41
N LYS A 232 14.41 2.35 -27.61
CA LYS A 232 14.49 3.79 -27.79
C LYS A 232 13.22 4.42 -28.36
N SER A 233 12.19 3.64 -28.69
CA SER A 233 10.98 4.22 -29.25
C SER A 233 9.78 3.39 -28.82
N ASP A 234 8.60 4.02 -28.90
CA ASP A 234 7.35 3.32 -28.59
C ASP A 234 7.07 2.22 -29.59
N GLN A 235 7.45 2.42 -30.85
CA GLN A 235 7.27 1.38 -31.86
C GLN A 235 8.10 0.15 -31.54
N GLN A 236 9.29 0.33 -30.95
CA GLN A 236 10.09 -0.81 -30.55
C GLN A 236 9.42 -1.58 -29.42
N TRP A 237 8.79 -0.86 -28.47
CA TRP A 237 7.98 -1.53 -27.46
C TRP A 237 6.82 -2.30 -28.10
N LYS A 238 6.18 -1.69 -29.09
CA LYS A 238 5.08 -2.35 -29.78
C LYS A 238 5.56 -3.59 -30.53
N VAL A 239 6.71 -3.50 -31.19
CA VAL A 239 7.24 -4.64 -31.94
C VAL A 239 7.60 -5.78 -30.99
N LEU A 240 8.21 -5.44 -29.85
CA LEU A 240 8.57 -6.48 -28.88
C LEU A 240 7.33 -7.09 -28.23
N SER A 241 6.30 -6.28 -27.98
CA SER A 241 5.10 -6.78 -27.33
C SER A 241 4.37 -7.83 -28.15
N LYS A 242 4.60 -7.86 -29.47
CA LYS A 242 4.04 -8.93 -30.29
C LYS A 242 4.44 -10.30 -29.78
N LEU A 243 5.66 -10.43 -29.26
CA LEU A 243 6.13 -11.72 -28.74
C LEU A 243 5.35 -12.12 -27.51
N LYS A 244 5.19 -11.21 -26.55
CA LYS A 244 4.45 -11.53 -25.33
C LYS A 244 2.99 -11.82 -25.63
N ASN A 245 2.35 -10.97 -26.44
CA ASN A 245 0.95 -11.17 -26.79
C ASN A 245 0.76 -12.43 -27.63
N GLY A 246 1.69 -12.70 -28.54
CA GLY A 246 1.60 -13.92 -29.33
C GLY A 246 1.75 -15.17 -28.49
N TYR A 247 2.65 -15.12 -27.50
CA TYR A 247 2.80 -16.22 -26.56
C TYR A 247 1.49 -16.46 -25.80
N GLN A 248 0.89 -15.39 -25.28
CA GLN A 248 -0.35 -15.52 -24.52
C GLN A 248 -1.50 -15.98 -25.41
N ASP A 249 -1.60 -15.41 -26.61
CA ASP A 249 -2.71 -15.75 -27.50
C ASP A 249 -2.62 -17.20 -27.97
N SER A 250 -1.43 -17.66 -28.34
CA SER A 250 -1.29 -19.04 -28.79
C SER A 250 -1.70 -20.02 -27.70
N LEU A 251 -1.30 -19.75 -26.45
CA LEU A 251 -1.53 -20.70 -25.37
C LEU A 251 -2.96 -20.67 -24.84
N PHE A 252 -3.57 -19.48 -24.72
CA PHE A 252 -4.82 -19.37 -23.99
C PHE A 252 -5.95 -18.66 -24.72
N THR A 253 -5.74 -18.21 -25.96
CA THR A 253 -6.81 -17.57 -26.73
C THR A 253 -7.48 -18.51 -27.72
N SER A 254 -6.91 -19.68 -27.97
CA SER A 254 -7.59 -20.68 -28.78
C SER A 254 -8.84 -21.15 -28.04
N PRO A 255 -10.01 -21.13 -28.68
CA PRO A 255 -11.24 -21.48 -27.96
C PRO A 255 -11.25 -22.89 -27.39
N GLU A 256 -10.59 -23.85 -28.06
CA GLU A 256 -10.59 -25.22 -27.56
C GLU A 256 -9.91 -25.31 -26.20
N VAL A 257 -8.71 -24.74 -26.08
CA VAL A 257 -7.98 -24.78 -24.82
C VAL A 257 -8.69 -23.95 -23.75
N ALA A 258 -9.20 -22.77 -24.13
CA ALA A 258 -9.75 -21.85 -23.14
C ALA A 258 -11.01 -22.39 -22.48
N ARG A 259 -11.89 -23.05 -23.24
CA ARG A 259 -13.12 -23.57 -22.64
C ARG A 259 -12.84 -24.68 -21.63
N ASN A 260 -11.71 -25.36 -21.72
CA ASN A 260 -11.40 -26.42 -20.77
C ASN A 260 -10.63 -25.91 -19.56
N VAL A 261 -9.57 -25.12 -19.78
CA VAL A 261 -8.70 -24.74 -18.67
C VAL A 261 -9.37 -23.71 -17.76
N ALA A 262 -10.26 -22.88 -18.30
CA ALA A 262 -10.94 -21.85 -17.53
C ALA A 262 -12.28 -22.31 -16.96
N LYS A 263 -12.60 -23.60 -17.06
CA LYS A 263 -13.89 -24.08 -16.58
C LYS A 263 -14.16 -23.82 -15.11
N PRO A 264 -13.20 -23.98 -14.18
CA PRO A 264 -13.52 -23.69 -12.77
C PRO A 264 -13.88 -22.24 -12.52
N LEU A 265 -13.25 -21.30 -13.23
CA LEU A 265 -13.55 -19.89 -13.02
C LEU A 265 -14.95 -19.54 -13.53
N VAL A 266 -15.29 -20.00 -14.74
CA VAL A 266 -16.62 -19.75 -15.27
C VAL A 266 -17.68 -20.36 -14.35
N SER A 267 -17.40 -21.56 -13.82
CA SER A 267 -18.31 -22.17 -12.85
C SER A 267 -18.44 -21.31 -11.61
N TYR A 268 -17.33 -20.78 -11.10
CA TYR A 268 -17.38 -19.92 -9.93
C TYR A 268 -18.16 -18.65 -10.21
N ILE A 269 -17.91 -18.04 -11.38
CA ILE A 269 -18.57 -16.78 -11.71
C ILE A 269 -20.07 -16.99 -11.90
N ASP A 270 -20.46 -18.07 -12.59
CA ASP A 270 -21.88 -18.36 -12.77
C ASP A 270 -22.55 -18.62 -11.43
N LYS A 271 -21.85 -19.32 -10.53
CA LYS A 271 -22.42 -19.57 -9.21
C LYS A 271 -22.50 -18.28 -8.39
N ALA A 272 -21.47 -17.44 -8.47
CA ALA A 272 -21.42 -16.25 -7.61
C ALA A 272 -22.23 -15.08 -8.13
N LEU A 273 -22.58 -15.04 -9.41
CA LEU A 273 -23.33 -13.93 -9.97
C LEU A 273 -24.75 -14.28 -10.39
N VAL A 274 -24.95 -15.40 -11.07
CA VAL A 274 -26.27 -15.76 -11.58
C VAL A 274 -27.10 -16.46 -10.52
N THR A 275 -26.73 -17.70 -10.19
CA THR A 275 -27.45 -18.49 -9.21
C THR A 275 -27.07 -18.09 -7.79
N ASP A 276 -26.76 -16.81 -7.59
CA ASP A 276 -26.41 -16.28 -6.27
C ASP A 276 -27.39 -15.21 -5.81
N ARG A 277 -28.68 -15.41 -6.03
CA ARG A 277 -29.67 -14.40 -5.64
C ARG A 277 -29.89 -14.40 -4.14
N THR A 278 -28.89 -14.85 -3.38
CA THR A 278 -28.92 -14.83 -1.93
C THR A 278 -28.60 -13.43 -1.40
N ALA A 280 -24.25 -13.35 1.99
CA ALA A 280 -24.21 -13.11 0.54
C ALA A 280 -23.03 -12.21 0.18
N PRO A 281 -22.47 -12.39 -1.01
CA PRO A 281 -21.34 -11.56 -1.42
C PRO A 281 -21.72 -10.49 -2.43
N LYS A 282 -21.65 -9.22 -2.01
CA LYS A 282 -21.95 -8.13 -2.94
C LYS A 282 -20.73 -7.73 -3.75
N ILE A 283 -19.53 -7.91 -3.18
CA ILE A 283 -18.29 -7.58 -3.87
C ILE A 283 -17.38 -8.79 -3.77
N THR A 284 -17.04 -9.36 -4.93
CA THR A 284 -16.14 -10.50 -4.98
C THR A 284 -14.88 -10.08 -5.72
N VAL A 285 -13.72 -10.44 -5.17
CA VAL A 285 -12.44 -10.13 -5.77
C VAL A 285 -11.70 -11.45 -5.92
N LEU A 286 -11.47 -11.86 -7.16
CA LEU A 286 -10.72 -13.07 -7.48
C LEU A 286 -9.37 -12.66 -8.04
N VAL A 287 -8.30 -13.08 -7.37
CA VAL A 287 -6.95 -12.72 -7.76
C VAL A 287 -6.26 -13.98 -8.26
N GLY A 288 -6.11 -14.08 -9.58
CA GLY A 288 -5.41 -15.19 -10.18
C GLY A 288 -4.24 -14.74 -11.02
N HIS A 289 -4.20 -15.15 -12.28
CA HIS A 289 -3.06 -14.91 -13.15
C HIS A 289 -3.55 -14.43 -14.51
N ASP A 290 -2.61 -13.92 -15.31
CA ASP A 290 -2.93 -13.46 -16.65
C ASP A 290 -3.49 -14.58 -17.51
N SER A 291 -3.05 -15.82 -17.28
CA SER A 291 -3.61 -16.96 -17.99
C SER A 291 -5.10 -17.12 -17.69
N ASN A 292 -5.48 -16.97 -16.42
CA ASN A 292 -6.89 -17.06 -16.05
C ASN A 292 -7.72 -16.01 -16.78
N ILE A 293 -7.22 -14.78 -16.86
CA ILE A 293 -7.96 -13.72 -17.53
C ILE A 293 -8.02 -13.97 -19.03
N ALA A 294 -6.92 -14.43 -19.62
CA ALA A 294 -6.90 -14.68 -21.06
C ALA A 294 -7.84 -15.83 -21.43
N SER A 295 -7.77 -16.94 -20.71
CA SER A 295 -8.64 -18.07 -20.99
C SER A 295 -10.10 -17.72 -20.71
N LEU A 296 -10.36 -16.92 -19.67
CA LEU A 296 -11.72 -16.52 -19.35
C LEU A 296 -12.30 -15.62 -20.44
N LEU A 297 -11.50 -14.69 -20.95
CA LEU A 297 -11.96 -13.81 -22.03
C LEU A 297 -12.37 -14.60 -23.26
N THR A 298 -11.59 -15.63 -23.61
CA THR A 298 -11.94 -16.46 -24.76
C THR A 298 -13.06 -17.43 -24.43
N ALA A 299 -13.09 -17.96 -23.20
CA ALA A 299 -14.11 -18.94 -22.84
C ALA A 299 -15.51 -18.32 -22.87
N LEU A 300 -15.64 -17.09 -22.38
CA LEU A 300 -16.92 -16.40 -22.41
C LEU A 300 -17.21 -15.73 -23.74
N ASP A 301 -16.34 -15.93 -24.74
CA ASP A 301 -16.54 -15.40 -26.09
C ASP A 301 -16.67 -13.88 -26.08
N PHE A 302 -15.75 -13.22 -25.39
CA PHE A 302 -15.69 -11.76 -25.43
C PHE A 302 -15.33 -11.29 -26.83
N LYS A 303 -15.94 -10.18 -27.24
CA LYS A 303 -15.50 -9.53 -28.47
C LYS A 303 -14.09 -8.98 -28.28
N PRO A 304 -13.32 -8.85 -29.37
CA PRO A 304 -12.00 -8.23 -29.26
C PRO A 304 -12.10 -6.81 -28.71
N TYR A 305 -11.06 -6.42 -27.97
CA TYR A 305 -11.00 -5.11 -27.35
C TYR A 305 -9.59 -4.56 -27.53
N GLN A 306 -9.47 -3.25 -27.41
CA GLN A 306 -8.16 -2.59 -27.49
C GLN A 306 -8.01 -1.67 -26.30
N LEU A 307 -6.96 -1.90 -25.51
CA LEU A 307 -6.59 -1.03 -24.40
C LEU A 307 -5.80 0.18 -24.90
N HIS A 308 -5.95 1.29 -24.17
CA HIS A 308 -5.28 2.54 -24.50
C HIS A 308 -4.03 2.71 -23.65
N ASP A 309 -2.98 3.26 -24.25
CA ASP A 309 -1.68 3.47 -23.59
C ASP A 309 -1.16 2.16 -22.98
N GLN A 310 -1.52 1.03 -23.59
CA GLN A 310 -1.16 -0.26 -23.04
C GLN A 310 -0.91 -1.19 -24.21
N ASN A 311 0.24 -1.87 -24.19
CA ASN A 311 0.63 -2.79 -25.25
C ASN A 311 0.38 -4.24 -24.91
N GLU A 312 -0.18 -4.54 -23.74
CA GLU A 312 -0.50 -5.89 -23.33
C GLU A 312 -2.00 -6.12 -23.42
N ARG A 313 -2.37 -7.40 -23.44
CA ARG A 313 -3.79 -7.76 -23.42
C ARG A 313 -4.34 -7.86 -22.00
N THR A 314 -3.56 -8.38 -21.06
CA THR A 314 -3.97 -8.54 -19.67
C THR A 314 -2.92 -7.96 -18.74
N PRO A 315 -2.80 -6.64 -18.68
CA PRO A 315 -1.69 -6.01 -17.95
C PRO A 315 -1.86 -6.07 -16.44
N ILE A 316 -0.75 -5.80 -15.75
CA ILE A 316 -0.79 -5.77 -14.28
C ILE A 316 -1.76 -4.68 -13.84
N GLY A 317 -2.39 -4.92 -12.69
CA GLY A 317 -3.41 -4.03 -12.19
C GLY A 317 -4.73 -4.08 -12.91
N GLY A 318 -4.77 -4.70 -14.09
CA GLY A 318 -6.00 -4.73 -14.85
C GLY A 318 -7.00 -5.67 -14.22
N LYS A 319 -8.27 -5.30 -14.31
CA LYS A 319 -9.33 -6.07 -13.68
C LYS A 319 -10.57 -6.09 -14.57
N ILE A 320 -11.19 -7.25 -14.68
CA ILE A 320 -12.44 -7.40 -15.41
C ILE A 320 -13.55 -7.29 -14.38
N VAL A 321 -14.32 -6.20 -14.43
CA VAL A 321 -15.35 -5.90 -13.44
C VAL A 321 -16.70 -6.27 -14.04
N PHE A 322 -17.29 -7.35 -13.52
CA PHE A 322 -18.65 -7.73 -13.87
C PHE A 322 -19.61 -6.97 -12.95
N GLN A 323 -20.61 -6.33 -13.53
CA GLN A 323 -21.52 -5.46 -12.78
C GLN A 323 -22.95 -5.84 -13.08
N ARG A 324 -23.67 -6.30 -12.05
CA ARG A 324 -25.11 -6.51 -12.13
C ARG A 324 -25.82 -5.25 -11.65
N TRP A 325 -26.58 -4.63 -12.54
CA TRP A 325 -27.31 -3.40 -12.26
C TRP A 325 -28.80 -3.70 -12.15
N HIS A 326 -29.50 -2.85 -11.41
CA HIS A 326 -30.96 -2.95 -11.25
C HIS A 326 -31.61 -1.78 -11.99
N ASP A 327 -32.33 -2.10 -13.06
CA ASP A 327 -33.15 -1.11 -13.76
C ASP A 327 -34.44 -0.94 -12.95
N SER A 328 -34.59 0.22 -12.30
CA SER A 328 -35.74 0.43 -11.42
C SER A 328 -37.02 0.68 -12.21
N LYS A 329 -36.93 1.37 -13.35
CA LYS A 329 -38.12 1.63 -14.15
C LYS A 329 -38.73 0.33 -14.67
N ALA A 330 -37.91 -0.55 -15.23
CA ALA A 330 -38.40 -1.81 -15.78
C ALA A 330 -38.37 -2.96 -14.78
N ASN A 331 -37.77 -2.76 -13.60
CA ASN A 331 -37.68 -3.82 -12.59
C ASN A 331 -36.98 -5.06 -13.18
N ARG A 332 -35.81 -4.84 -13.77
CA ARG A 332 -35.00 -5.91 -14.34
C ARG A 332 -33.52 -5.67 -14.04
N ASP A 333 -32.77 -6.76 -14.01
CA ASP A 333 -31.33 -6.71 -13.79
C ASP A 333 -30.60 -6.78 -15.13
N LEU A 334 -29.50 -6.03 -15.21
CA LEU A 334 -28.70 -5.94 -16.42
C LEU A 334 -27.25 -6.21 -16.06
N MET A 335 -26.47 -6.58 -17.07
CA MET A 335 -25.04 -6.87 -16.90
C MET A 335 -24.22 -5.89 -17.71
N LYS A 336 -23.19 -5.33 -17.08
CA LYS A 336 -22.21 -4.48 -17.74
C LYS A 336 -20.82 -4.92 -17.29
N ILE A 337 -19.94 -5.15 -18.26
CA ILE A 337 -18.59 -5.64 -17.99
C ILE A 337 -17.60 -4.59 -18.48
N GLU A 338 -16.62 -4.27 -17.64
CA GLU A 338 -15.59 -3.31 -17.98
C GLU A 338 -14.22 -3.86 -17.60
N TYR A 339 -13.21 -3.45 -18.38
CA TYR A 339 -11.81 -3.69 -18.03
C TYR A 339 -11.28 -2.41 -17.41
N VAL A 340 -11.02 -2.44 -16.11
CA VAL A 340 -10.49 -1.30 -15.37
C VAL A 340 -9.01 -1.57 -15.14
N TYR A 341 -8.17 -0.75 -15.75
CA TYR A 341 -6.74 -1.01 -15.79
C TYR A 341 -5.99 0.32 -15.73
N GLN A 342 -4.69 0.21 -15.54
CA GLN A 342 -3.80 1.37 -15.54
C GLN A 342 -3.01 1.41 -16.84
N SER A 343 -2.81 2.61 -17.37
CA SER A 343 -1.97 2.79 -18.53
C SER A 343 -0.51 2.49 -18.18
N ALA A 344 0.31 2.36 -19.22
CA ALA A 344 1.74 2.16 -19.00
C ALA A 344 2.34 3.31 -18.22
N GLU A 345 1.93 4.55 -18.53
CA GLU A 345 2.40 5.70 -17.77
C GLU A 345 1.92 5.66 -16.32
N GLN A 346 0.65 5.31 -16.12
CA GLN A 346 0.12 5.21 -14.75
C GLN A 346 0.85 4.15 -13.94
N LEU A 347 1.19 3.03 -14.58
CA LEU A 347 1.91 1.97 -13.87
C LEU A 347 3.31 2.41 -13.49
N ARG A 348 4.07 2.91 -14.47
CA ARG A 348 5.47 3.26 -14.21
C ARG A 348 5.59 4.41 -13.23
N ASN A 349 4.71 5.43 -13.36
CA ASN A 349 4.78 6.59 -12.48
C ASN A 349 4.04 6.38 -11.16
N ALA A 350 3.33 5.28 -11.00
CA ALA A 350 2.53 5.01 -9.80
C ALA A 350 1.56 6.16 -9.53
N ASP A 351 0.85 6.57 -10.58
CA ASP A 351 -0.10 7.66 -10.47
C ASP A 351 -1.22 7.31 -9.50
N ALA A 352 -1.63 8.28 -8.70
CA ALA A 352 -2.81 8.12 -7.87
C ALA A 352 -4.05 8.04 -8.75
N LEU A 353 -5.02 7.22 -8.32
CA LEU A 353 -6.26 7.02 -9.07
C LEU A 353 -7.43 7.54 -8.24
N THR A 354 -8.08 8.59 -8.72
CA THR A 354 -9.25 9.18 -8.09
C THR A 354 -10.36 9.27 -9.13
N LEU A 355 -11.56 9.63 -8.70
CA LEU A 355 -12.65 9.82 -9.65
C LEU A 355 -12.35 10.95 -10.62
N GLN A 356 -11.63 11.98 -10.18
CA GLN A 356 -11.25 13.07 -11.08
C GLN A 356 -10.15 12.63 -12.05
N ALA A 357 -9.19 11.83 -11.57
CA ALA A 357 -8.08 11.33 -12.38
C ALA A 357 -8.19 9.81 -12.40
N PRO A 358 -9.11 9.27 -13.21
CA PRO A 358 -9.52 7.88 -13.06
C PRO A 358 -8.55 6.90 -13.69
N ALA A 359 -8.71 5.64 -13.32
CA ALA A 359 -8.10 4.56 -14.06
C ALA A 359 -8.77 4.42 -15.41
N GLN A 360 -8.06 3.79 -16.35
CA GLN A 360 -8.63 3.55 -17.66
C GLN A 360 -9.77 2.54 -17.56
N ARG A 361 -10.82 2.76 -18.34
CA ARG A 361 -11.98 1.86 -18.38
C ARG A 361 -12.36 1.63 -19.84
N VAL A 362 -12.64 0.37 -20.17
CA VAL A 362 -13.11 -0.02 -21.50
C VAL A 362 -14.27 -0.99 -21.32
N THR A 363 -15.38 -0.69 -21.99
CA THR A 363 -16.55 -1.56 -21.92
C THR A 363 -16.34 -2.78 -22.81
N LEU A 364 -16.44 -3.95 -22.21
CA LEU A 364 -16.32 -5.21 -22.94
C LEU A 364 -17.71 -5.72 -23.33
N GLU A 365 -17.73 -6.71 -24.21
CA GLU A 365 -18.99 -7.24 -24.72
C GLU A 365 -18.86 -8.73 -25.01
N LEU A 366 -19.86 -9.48 -24.60
CA LEU A 366 -19.96 -10.90 -24.90
C LEU A 366 -20.71 -11.09 -26.21
N SER A 367 -20.24 -12.02 -27.04
CA SER A 367 -20.93 -12.30 -28.29
C SER A 367 -22.37 -12.71 -28.05
N GLY A 368 -22.63 -13.42 -26.95
CA GLY A 368 -23.97 -13.85 -26.59
C GLY A 368 -24.80 -12.85 -25.82
N CYS A 369 -24.20 -11.79 -25.28
CA CYS A 369 -24.92 -10.76 -24.54
C CYS A 369 -24.63 -9.41 -25.19
N PRO A 370 -25.34 -9.06 -26.25
CA PRO A 370 -25.08 -7.78 -26.91
C PRO A 370 -25.43 -6.60 -26.02
N ILE A 371 -24.54 -5.62 -25.99
CA ILE A 371 -24.66 -4.46 -25.11
C ILE A 371 -25.40 -3.35 -25.83
N ASP A 372 -26.17 -2.58 -25.08
CA ASP A 372 -26.92 -1.47 -25.65
C ASP A 372 -25.98 -0.29 -25.88
N ALA A 373 -26.54 0.89 -26.14
CA ALA A 373 -25.70 2.07 -26.37
C ALA A 373 -24.96 2.49 -25.11
N ASP A 374 -25.44 2.10 -23.93
CA ASP A 374 -24.80 2.45 -22.67
C ASP A 374 -23.94 1.31 -22.12
N GLY A 375 -23.73 0.25 -22.89
CA GLY A 375 -22.88 -0.83 -22.45
C GLY A 375 -23.53 -1.87 -21.57
N PHE A 376 -24.85 -1.90 -21.49
CA PHE A 376 -25.57 -2.86 -20.66
C PHE A 376 -26.18 -3.95 -21.55
N CYS A 377 -26.36 -5.13 -20.97
CA CYS A 377 -26.96 -6.25 -21.66
C CYS A 377 -27.84 -7.01 -20.68
N PRO A 378 -28.87 -7.71 -21.17
CA PRO A 378 -29.84 -8.32 -20.25
C PRO A 378 -29.22 -9.45 -19.44
N MET A 379 -29.62 -9.53 -18.18
CA MET A 379 -29.04 -10.49 -17.25
C MET A 379 -29.34 -11.94 -17.66
N ASP A 380 -30.50 -12.17 -18.28
CA ASP A 380 -30.86 -13.54 -18.66
C ASP A 380 -29.96 -14.06 -19.77
N LYS A 381 -29.65 -13.23 -20.76
CA LYS A 381 -28.67 -13.62 -21.77
C LYS A 381 -27.30 -13.87 -21.16
N PHE A 382 -26.95 -13.11 -20.12
CA PHE A 382 -25.66 -13.30 -19.46
C PHE A 382 -25.58 -14.68 -18.80
N ASP A 383 -26.62 -15.04 -18.03
CA ASP A 383 -26.63 -16.37 -17.43
C ASP A 383 -26.67 -17.46 -18.49
N SER A 384 -27.37 -17.20 -19.61
CA SER A 384 -27.40 -18.16 -20.71
C SER A 384 -26.00 -18.42 -21.26
N VAL A 385 -25.23 -17.35 -21.49
CA VAL A 385 -23.85 -17.50 -21.96
C VAL A 385 -23.03 -18.28 -20.95
N LEU A 386 -23.19 -17.98 -19.66
CA LEU A 386 -22.40 -18.66 -18.63
C LEU A 386 -22.76 -20.14 -18.55
N ASN A 387 -24.05 -20.48 -18.69
CA ASN A 387 -24.44 -21.88 -18.65
C ASN A 387 -24.02 -22.62 -19.91
N GLU A 388 -23.97 -21.93 -21.05
CA GLU A 388 -23.51 -22.56 -22.27
C GLU A 388 -22.00 -22.78 -22.25
N ALA A 389 -21.25 -21.96 -21.50
CA ALA A 389 -19.81 -22.12 -21.41
C ALA A 389 -19.43 -23.31 -20.56
N VAL A 390 -20.20 -23.60 -19.50
CA VAL A 390 -19.94 -24.74 -18.65
C VAL A 390 -20.24 -26.05 -19.38
N VAL B 3 26.99 -2.67 13.19
CA VAL B 3 26.74 -3.74 14.14
C VAL B 3 28.03 -4.50 14.41
N PRO B 4 28.53 -4.41 15.65
CA PRO B 4 29.79 -5.08 16.00
C PRO B 4 29.70 -6.58 15.80
N GLU B 5 30.85 -7.21 15.58
CA GLU B 5 30.91 -8.63 15.30
C GLU B 5 30.40 -9.44 16.50
N GLY B 6 29.58 -10.45 16.20
CA GLY B 6 28.99 -11.29 17.22
C GLY B 6 27.65 -10.81 17.74
N TYR B 7 27.22 -9.62 17.36
CA TYR B 7 25.93 -9.09 17.80
C TYR B 7 24.82 -9.72 16.97
N GLN B 8 23.80 -10.25 17.65
CA GLN B 8 22.64 -10.84 16.99
C GLN B 8 21.38 -10.12 17.47
N LEU B 9 20.67 -9.50 16.53
CA LEU B 9 19.40 -8.88 16.85
C LEU B 9 18.39 -9.95 17.23
N GLN B 10 17.85 -9.85 18.44
CA GLN B 10 16.92 -10.85 18.97
C GLN B 10 15.48 -10.38 19.02
N GLN B 11 15.24 -9.13 19.39
CA GLN B 11 13.87 -8.65 19.52
C GLN B 11 13.81 -7.19 19.09
N VAL B 12 12.67 -6.80 18.54
CA VAL B 12 12.46 -5.45 18.01
C VAL B 12 11.03 -5.01 18.33
N LEU B 13 10.90 -3.80 18.86
CA LEU B 13 9.61 -3.15 19.03
C LEU B 13 9.67 -1.78 18.37
N MET B 14 8.67 -1.47 17.56
CA MET B 14 8.60 -0.21 16.84
C MET B 14 7.42 0.59 17.35
N MET B 15 7.69 1.78 17.87
CA MET B 15 6.64 2.72 18.24
C MET B 15 6.37 3.65 17.07
N SER B 16 5.14 3.60 16.56
CA SER B 16 4.76 4.35 15.37
C SER B 16 3.49 5.14 15.65
N ARG B 17 3.21 6.07 14.75
CA ARG B 17 2.01 6.87 14.76
C ARG B 17 1.25 6.67 13.45
N ASP B 18 0.03 7.21 13.42
CA ASP B 18 -0.75 7.19 12.19
C ASP B 18 -0.03 7.98 11.09
N ASN B 19 -0.21 7.53 9.86
CA ASN B 19 0.43 8.19 8.72
C ASN B 19 -0.38 9.40 8.27
N LEU B 20 -0.23 9.80 7.01
CA LEU B 20 -0.85 11.01 6.50
C LEU B 20 -2.36 10.86 6.46
N ARG B 21 -3.06 11.77 7.12
CA ARG B 21 -4.51 11.73 7.26
C ARG B 21 -5.13 12.99 6.65
N ALA B 22 -6.46 12.97 6.50
CA ALA B 22 -7.19 14.13 6.03
C ALA B 22 -7.55 15.03 7.20
N PRO B 23 -7.31 16.34 7.12
CA PRO B 23 -7.67 17.23 8.22
C PRO B 23 -9.17 17.36 8.35
N LEU B 24 -9.63 17.51 9.59
CA LEU B 24 -11.07 17.67 9.86
C LEU B 24 -11.42 19.15 9.77
N ALA B 25 -11.84 19.57 8.58
CA ALA B 25 -12.22 20.96 8.35
C ALA B 25 -13.70 21.11 8.00
N ASN B 26 -14.59 20.71 8.91
CA ASN B 26 -16.02 20.92 8.64
C ASN B 26 -16.43 22.34 9.02
N ASN B 27 -17.72 22.58 9.22
CA ASN B 27 -18.20 23.94 9.45
C ASN B 27 -17.79 24.45 10.83
N GLY B 28 -18.05 23.67 11.87
CA GLY B 28 -17.69 24.10 13.21
C GLY B 28 -16.23 23.95 13.57
N SER B 29 -15.38 23.57 12.62
CA SER B 29 -14.00 23.19 12.92
C SER B 29 -13.14 24.42 13.20
N VAL B 30 -12.03 24.16 13.89
CA VAL B 30 -11.02 25.20 14.13
C VAL B 30 -10.44 25.70 12.81
N LEU B 31 -10.21 24.77 11.87
CA LEU B 31 -9.59 25.16 10.61
C LEU B 31 -10.50 26.09 9.81
N GLU B 32 -11.81 25.84 9.82
CA GLU B 32 -12.72 26.67 9.04
C GLU B 32 -12.93 28.03 9.70
N GLN B 33 -13.00 28.06 11.03
CA GLN B 33 -13.24 29.32 11.75
C GLN B 33 -12.04 30.23 11.75
N SER B 34 -10.85 29.71 11.47
CA SER B 34 -9.62 30.49 11.59
C SER B 34 -9.25 31.24 10.32
N THR B 35 -10.00 31.09 9.23
CA THR B 35 -9.63 31.71 7.97
C THR B 35 -10.89 31.92 7.12
N PRO B 36 -10.91 32.94 6.25
CA PRO B 36 -11.99 33.04 5.26
C PRO B 36 -11.73 32.22 4.01
N ASN B 37 -10.48 31.83 3.75
CA ASN B 37 -10.13 31.17 2.51
C ASN B 37 -10.75 29.78 2.45
N LYS B 38 -10.78 29.22 1.25
CA LYS B 38 -11.32 27.89 1.01
C LYS B 38 -10.20 26.86 1.13
N TRP B 39 -10.39 25.89 2.00
CA TRP B 39 -9.41 24.81 2.12
C TRP B 39 -9.54 23.87 0.93
N PRO B 40 -8.44 23.42 0.35
CA PRO B 40 -8.54 22.46 -0.76
C PRO B 40 -9.13 21.15 -0.25
N GLU B 41 -9.90 20.51 -1.11
CA GLU B 41 -10.64 19.32 -0.72
C GLU B 41 -9.78 18.08 -0.86
N TRP B 42 -10.06 17.10 -0.02
CA TRP B 42 -9.32 15.84 0.03
C TRP B 42 -10.18 14.69 -0.46
N ASP B 43 -9.50 13.65 -0.95
CA ASP B 43 -10.16 12.47 -1.49
C ASP B 43 -10.79 11.59 -0.41
N VAL B 44 -10.43 11.82 0.86
CA VAL B 44 -10.85 10.95 1.95
C VAL B 44 -11.61 11.78 2.98
N PRO B 45 -12.55 11.21 3.73
CA PRO B 45 -13.20 11.99 4.79
C PRO B 45 -12.20 12.42 5.85
N GLY B 46 -12.56 13.49 6.57
CA GLY B 46 -11.66 14.05 7.56
C GLY B 46 -11.38 13.07 8.68
N GLY B 47 -10.12 13.04 9.12
CA GLY B 47 -9.69 12.14 10.16
C GLY B 47 -9.37 10.74 9.70
N GLN B 48 -9.66 10.40 8.45
CA GLN B 48 -9.32 9.10 7.89
C GLN B 48 -7.92 9.13 7.29
N LEU B 49 -7.29 7.96 7.23
CA LEU B 49 -5.98 7.86 6.61
C LEU B 49 -6.10 8.06 5.11
N THR B 50 -5.17 8.82 4.53
CA THR B 50 -5.20 9.01 3.09
C THR B 50 -4.53 7.85 2.37
N THR B 51 -4.87 7.70 1.09
CA THR B 51 -4.29 6.63 0.29
C THR B 51 -2.78 6.81 0.16
N LYS B 52 -2.32 8.04 -0.09
CA LYS B 52 -0.88 8.28 -0.14
C LYS B 52 -0.22 7.97 1.19
N GLY B 53 -0.91 8.27 2.30
CA GLY B 53 -0.38 7.90 3.60
C GLY B 53 -0.20 6.40 3.75
N GLY B 54 -1.16 5.62 3.24
CA GLY B 54 -0.99 4.19 3.22
C GLY B 54 0.17 3.75 2.36
N VAL B 55 0.35 4.41 1.21
CA VAL B 55 1.48 4.09 0.33
C VAL B 55 2.79 4.38 1.04
N LEU B 56 2.86 5.48 1.78
CA LEU B 56 4.08 5.82 2.51
C LEU B 56 4.39 4.77 3.57
N GLU B 57 3.35 4.27 4.26
CA GLU B 57 3.57 3.20 5.22
C GLU B 57 4.06 1.93 4.55
N VAL B 58 3.56 1.66 3.33
CA VAL B 58 3.98 0.47 2.60
C VAL B 58 5.48 0.53 2.31
N TYR B 59 5.96 1.67 1.82
CA TYR B 59 7.38 1.83 1.56
C TYR B 59 8.20 1.66 2.84
N MET B 60 7.75 2.27 3.93
CA MET B 60 8.43 2.11 5.21
C MET B 60 8.40 0.66 5.67
N GLY B 61 7.28 -0.04 5.41
CA GLY B 61 7.21 -1.44 5.77
C GLY B 61 8.21 -2.30 5.02
N HIS B 62 8.35 -2.05 3.72
CA HIS B 62 9.32 -2.81 2.92
C HIS B 62 10.75 -2.51 3.37
N TYR B 63 11.05 -1.25 3.67
CA TYR B 63 12.38 -0.91 4.16
C TYR B 63 12.68 -1.64 5.46
N MET B 64 11.72 -1.66 6.38
CA MET B 64 11.93 -2.34 7.65
C MET B 64 12.13 -3.83 7.44
N ARG B 65 11.42 -4.42 6.48
CA ARG B 65 11.64 -5.83 6.14
C ARG B 65 13.05 -6.05 5.61
N GLU B 66 13.51 -5.17 4.71
CA GLU B 66 14.87 -5.28 4.20
C GLU B 66 15.89 -5.15 5.31
N TRP B 67 15.68 -4.18 6.21
CA TRP B 67 16.61 -3.99 7.33
C TRP B 67 16.60 -5.18 8.28
N LEU B 68 15.41 -5.69 8.60
CA LEU B 68 15.31 -6.84 9.49
C LEU B 68 15.99 -8.08 8.88
N ALA B 69 15.83 -8.26 7.58
CA ALA B 69 16.50 -9.38 6.91
C ALA B 69 18.01 -9.19 6.91
N GLU B 70 18.45 -7.94 6.77
CA GLU B 70 19.88 -7.64 6.82
C GLU B 70 20.49 -8.04 8.16
N GLN B 71 19.70 -7.98 9.24
CA GLN B 71 20.18 -8.33 10.57
C GLN B 71 19.80 -9.75 10.98
N GLY B 72 19.21 -10.52 10.06
CA GLY B 72 18.90 -11.92 10.32
C GLY B 72 17.66 -12.21 11.13
N MET B 73 16.79 -11.22 11.33
CA MET B 73 15.57 -11.45 12.10
C MET B 73 14.59 -12.34 11.34
N VAL B 74 14.39 -12.06 10.06
CA VAL B 74 13.48 -12.83 9.22
C VAL B 74 14.19 -13.17 7.93
N LYS B 75 13.76 -14.25 7.30
CA LYS B 75 14.32 -14.67 6.02
C LYS B 75 13.55 -13.96 4.92
N SER B 76 14.26 -13.23 4.07
CA SER B 76 13.61 -12.43 3.04
C SER B 76 12.85 -13.34 2.07
N GLY B 77 11.61 -12.96 1.79
CA GLY B 77 10.76 -13.72 0.88
C GLY B 77 9.98 -14.84 1.54
N GLU B 78 10.23 -15.15 2.80
CA GLU B 78 9.50 -16.18 3.52
C GLU B 78 8.78 -15.58 4.72
N CYS B 79 7.55 -16.02 4.93
CA CYS B 79 6.78 -15.54 6.06
C CYS B 79 7.38 -16.05 7.36
N PRO B 80 7.55 -15.22 8.37
CA PRO B 80 8.05 -15.68 9.67
C PRO B 80 7.07 -16.65 10.29
N PRO B 81 7.48 -17.39 11.32
CA PRO B 81 6.54 -18.26 12.04
C PRO B 81 5.34 -17.46 12.54
N PRO B 82 4.22 -18.13 12.87
CA PRO B 82 2.99 -17.39 13.19
C PRO B 82 3.12 -16.32 14.28
N TYR B 83 3.45 -16.73 15.50
CA TYR B 83 3.54 -15.79 16.62
C TYR B 83 4.81 -14.94 16.60
N THR B 84 5.52 -14.85 15.47
CA THR B 84 6.73 -14.04 15.42
C THR B 84 6.42 -12.55 15.41
N VAL B 85 5.43 -12.12 14.62
CA VAL B 85 5.10 -10.71 14.46
C VAL B 85 3.77 -10.45 15.17
N TYR B 86 3.75 -9.39 15.99
CA TYR B 86 2.53 -8.96 16.67
C TYR B 86 2.32 -7.50 16.37
N ALA B 87 1.21 -7.17 15.71
CA ALA B 87 0.85 -5.80 15.36
C ALA B 87 -0.34 -5.36 16.20
N TYR B 88 -0.20 -4.21 16.85
CA TYR B 88 -1.19 -3.70 17.79
C TYR B 88 -1.37 -2.21 17.55
N ALA B 89 -2.59 -1.81 17.20
CA ALA B 89 -2.89 -0.42 16.89
C ALA B 89 -4.05 0.08 17.74
N ASN B 90 -4.09 1.39 17.93
CA ASN B 90 -5.24 2.02 18.57
C ASN B 90 -6.48 1.82 17.71
N SER B 91 -7.63 1.63 18.36
CA SER B 91 -8.86 1.27 17.66
C SER B 91 -9.48 2.51 17.01
N LEU B 92 -8.70 3.12 16.12
CA LEU B 92 -9.15 4.20 15.27
C LEU B 92 -8.88 3.82 13.82
N GLN B 93 -9.63 4.43 12.90
CA GLN B 93 -9.51 4.08 11.49
C GLN B 93 -8.11 4.38 10.98
N ARG B 94 -7.57 5.57 11.28
CA ARG B 94 -6.27 5.95 10.73
C ARG B 94 -5.13 5.12 11.31
N THR B 95 -5.21 4.78 12.59
CA THR B 95 -4.14 3.98 13.20
C THR B 95 -4.19 2.53 12.74
N VAL B 96 -5.39 1.93 12.70
CA VAL B 96 -5.51 0.56 12.22
C VAL B 96 -5.12 0.46 10.75
N ALA B 97 -5.56 1.43 9.94
CA ALA B 97 -5.21 1.40 8.51
C ALA B 97 -3.71 1.56 8.33
N THR B 98 -3.09 2.46 9.10
CA THR B 98 -1.64 2.60 9.08
C THR B 98 -0.95 1.28 9.39
N ALA B 99 -1.42 0.58 10.42
CA ALA B 99 -0.84 -0.72 10.78
C ALA B 99 -1.04 -1.74 9.66
N GLN B 100 -2.22 -1.75 9.05
CA GLN B 100 -2.47 -2.68 7.95
C GLN B 100 -1.53 -2.44 6.78
N PHE B 101 -1.34 -1.17 6.41
CA PHE B 101 -0.45 -0.86 5.29
C PHE B 101 0.99 -1.23 5.60
N PHE B 102 1.46 -0.96 6.83
CA PHE B 102 2.83 -1.28 7.19
C PHE B 102 3.06 -2.78 7.17
N ILE B 103 2.14 -3.55 7.76
CA ILE B 103 2.32 -5.00 7.85
C ILE B 103 2.32 -5.63 6.47
N THR B 104 1.42 -5.18 5.59
CA THR B 104 1.36 -5.73 4.24
C THR B 104 2.62 -5.36 3.45
N GLY B 105 3.14 -4.15 3.65
CA GLY B 105 4.37 -3.77 2.99
C GLY B 105 5.58 -4.51 3.53
N ALA B 106 5.58 -4.83 4.82
CA ALA B 106 6.72 -5.52 5.42
C ALA B 106 6.66 -7.02 5.18
N PHE B 107 5.47 -7.62 5.30
CA PHE B 107 5.29 -9.07 5.15
C PHE B 107 4.16 -9.34 4.16
N PRO B 108 4.39 -9.04 2.87
CA PRO B 108 3.34 -9.29 1.88
C PRO B 108 3.05 -10.77 1.75
N GLY B 109 1.76 -11.12 1.81
CA GLY B 109 1.33 -12.49 1.66
C GLY B 109 1.29 -13.32 2.92
N CYS B 110 1.58 -12.74 4.07
CA CYS B 110 1.54 -13.47 5.33
C CYS B 110 0.21 -13.23 6.04
N ASP B 111 -0.08 -14.09 7.01
CA ASP B 111 -1.32 -14.00 7.79
C ASP B 111 -1.01 -13.39 9.15
N ILE B 112 -0.73 -12.09 9.11
CA ILE B 112 -0.40 -11.32 10.30
C ILE B 112 -1.52 -10.31 10.53
N PRO B 113 -2.40 -10.54 11.50
CA PRO B 113 -3.51 -9.61 11.72
C PRO B 113 -3.09 -8.43 12.56
N VAL B 114 -3.81 -7.33 12.37
CA VAL B 114 -3.62 -6.13 13.17
C VAL B 114 -4.60 -6.20 14.34
N HIS B 115 -4.07 -6.36 15.55
CA HIS B 115 -4.91 -6.48 16.72
C HIS B 115 -5.38 -5.10 17.19
N HIS B 116 -6.64 -5.02 17.57
CA HIS B 116 -7.23 -3.80 18.11
C HIS B 116 -8.49 -4.18 18.85
N GLN B 117 -8.84 -3.38 19.85
CA GLN B 117 -10.07 -3.64 20.58
C GLN B 117 -11.28 -3.44 19.66
N GLU B 118 -12.39 -4.06 20.05
CA GLU B 118 -13.55 -4.17 19.15
C GLU B 118 -14.19 -2.82 18.88
N LYS B 119 -14.21 -1.93 19.87
CA LYS B 119 -14.94 -0.67 19.76
C LYS B 119 -14.15 0.32 18.91
N MET B 120 -14.30 0.17 17.60
CA MET B 120 -13.67 1.11 16.67
C MET B 120 -14.28 2.50 16.83
N GLY B 121 -13.49 3.52 16.54
CA GLY B 121 -13.88 4.89 16.77
C GLY B 121 -13.66 5.38 18.19
N THR B 122 -13.32 4.49 19.12
CA THR B 122 -13.04 4.83 20.50
C THR B 122 -11.57 4.59 20.82
N MET B 123 -11.07 5.32 21.81
CA MET B 123 -9.66 5.22 22.18
C MET B 123 -9.37 3.91 22.90
N ASP B 124 -8.22 3.32 22.59
CA ASP B 124 -7.70 2.19 23.34
C ASP B 124 -6.96 2.71 24.58
N PRO B 125 -7.25 2.18 25.78
CA PRO B 125 -6.56 2.66 26.98
C PRO B 125 -5.04 2.63 26.88
N THR B 126 -4.48 1.69 26.11
CA THR B 126 -3.03 1.63 25.94
C THR B 126 -2.50 2.87 25.22
N PHE B 127 -3.26 3.39 24.26
CA PHE B 127 -2.82 4.51 23.44
C PHE B 127 -3.49 5.82 23.82
N ASN B 128 -4.29 5.84 24.88
CA ASN B 128 -5.02 7.04 25.24
C ASN B 128 -4.21 7.85 26.26
N PRO B 129 -3.60 8.98 25.84
CA PRO B 129 -2.74 9.76 26.73
C PRO B 129 -3.53 10.62 27.72
N VAL B 130 -4.47 9.99 28.42
CA VAL B 130 -5.33 10.70 29.35
C VAL B 130 -4.71 10.62 30.74
N ILE B 131 -5.08 11.57 31.58
CA ILE B 131 -4.56 11.63 32.94
C ILE B 131 -5.30 10.62 33.81
N THR B 132 -4.55 9.77 34.50
CA THR B 132 -5.11 8.73 35.36
C THR B 132 -4.97 9.06 36.84
N ASP B 133 -4.48 10.25 37.16
CA ASP B 133 -4.32 10.70 38.53
C ASP B 133 -5.44 11.71 38.83
N ASP B 134 -6.38 11.32 39.68
CA ASP B 134 -7.55 12.15 39.96
C ASP B 134 -7.31 13.17 41.06
N SER B 135 -6.14 13.16 41.70
CA SER B 135 -5.88 14.10 42.78
C SER B 135 -5.83 15.52 42.22
N ALA B 136 -6.32 16.47 43.01
CA ALA B 136 -6.29 17.87 42.58
C ALA B 136 -4.87 18.40 42.52
N ALA B 137 -4.02 17.97 43.46
CA ALA B 137 -2.63 18.43 43.47
C ALA B 137 -1.92 18.06 42.18
N PHE B 138 -2.22 16.88 41.63
CA PHE B 138 -1.64 16.51 40.34
C PHE B 138 -2.10 17.47 39.25
N SER B 139 -3.40 17.79 39.23
CA SER B 139 -3.92 18.71 38.22
C SER B 139 -3.32 20.10 38.37
N GLU B 140 -3.11 20.56 39.61
CA GLU B 140 -2.48 21.86 39.82
C GLU B 140 -1.08 21.89 39.25
N GLN B 141 -0.25 20.91 39.62
CA GLN B 141 1.13 20.88 39.17
C GLN B 141 1.24 20.68 37.66
N ALA B 142 0.29 19.92 37.08
CA ALA B 142 0.33 19.67 35.65
C ALA B 142 0.14 20.96 34.86
N VAL B 143 -0.89 21.74 35.21
CA VAL B 143 -1.13 23.00 34.52
C VAL B 143 0.03 23.96 34.74
N ALA B 144 0.55 24.01 35.96
CA ALA B 144 1.69 24.88 36.25
C ALA B 144 2.90 24.52 35.39
N ALA B 145 3.17 23.22 35.24
CA ALA B 145 4.30 22.79 34.42
C ALA B 145 4.09 23.14 32.95
N MET B 146 2.85 22.99 32.45
CA MET B 146 2.55 23.34 31.07
C MET B 146 2.73 24.84 30.84
N GLU B 147 2.26 25.66 31.78
CA GLU B 147 2.43 27.11 31.64
C GLU B 147 3.90 27.50 31.70
N LYS B 148 4.66 26.88 32.59
CA LYS B 148 6.09 27.16 32.67
C LYS B 148 6.80 26.77 31.38
N GLU B 149 6.48 25.60 30.82
CA GLU B 149 7.12 25.15 29.59
C GLU B 149 6.82 26.09 28.42
N LEU B 150 5.57 26.53 28.30
CA LEU B 150 5.20 27.42 27.21
C LEU B 150 5.88 28.78 27.32
N SER B 151 6.06 29.26 28.56
CA SER B 151 6.65 30.58 28.76
C SER B 151 8.05 30.67 28.14
N LYS B 152 8.75 29.55 28.04
CA LYS B 152 10.10 29.54 27.47
C LYS B 152 10.11 29.78 25.96
N LEU B 153 8.99 29.54 25.28
CA LEU B 153 8.94 29.60 23.83
C LEU B 153 8.62 31.01 23.35
N GLN B 154 9.24 31.39 22.23
CA GLN B 154 8.99 32.68 21.58
C GLN B 154 8.28 32.42 20.26
N LEU B 155 6.98 32.74 20.22
CA LEU B 155 6.13 32.39 19.08
C LEU B 155 5.55 33.62 18.39
N THR B 156 6.05 34.83 18.66
CA THR B 156 5.44 36.04 18.12
C THR B 156 5.54 36.08 16.60
N ASP B 157 6.74 35.79 16.06
CA ASP B 157 6.90 35.80 14.61
C ASP B 157 6.06 34.72 13.95
N SER B 158 5.90 33.57 14.61
CA SER B 158 5.07 32.50 14.07
C SER B 158 3.60 32.93 13.99
N TYR B 159 3.10 33.56 15.06
CA TYR B 159 1.71 34.01 15.06
C TYR B 159 1.47 35.06 13.98
N GLN B 160 2.40 36.00 13.80
CA GLN B 160 2.22 37.04 12.79
C GLN B 160 2.20 36.44 11.39
N LEU B 161 3.15 35.56 11.09
CA LEU B 161 3.19 34.93 9.76
C LEU B 161 1.95 34.10 9.52
N LEU B 162 1.47 33.39 10.55
CA LEU B 162 0.25 32.61 10.40
C LEU B 162 -0.95 33.51 10.14
N GLU B 163 -1.07 34.61 10.88
CA GLU B 163 -2.16 35.56 10.65
C GLU B 163 -2.14 36.10 9.23
N LYS B 164 -0.94 36.42 8.72
CA LYS B 164 -0.84 36.90 7.35
C LYS B 164 -1.22 35.81 6.35
N ILE B 165 -0.80 34.58 6.61
CA ILE B 165 -1.05 33.49 5.66
C ILE B 165 -2.53 33.14 5.63
N VAL B 166 -3.17 33.05 6.80
CA VAL B 166 -4.56 32.60 6.85
C VAL B 166 -5.56 33.75 6.78
N ASN B 167 -5.11 35.00 6.75
CA ASN B 167 -5.99 36.17 6.79
C ASN B 167 -6.92 36.11 8.00
N TYR B 168 -6.29 36.04 9.18
CA TYR B 168 -7.05 35.81 10.42
C TYR B 168 -8.00 36.96 10.71
N LYS B 169 -7.69 38.18 10.27
CA LYS B 169 -8.53 39.34 10.57
C LYS B 169 -9.94 39.16 10.00
N ASP B 170 -10.06 38.52 8.85
CA ASP B 170 -11.35 38.32 8.18
C ASP B 170 -11.93 36.94 8.47
N SER B 171 -11.45 36.26 9.50
CA SER B 171 -11.86 34.90 9.77
C SER B 171 -13.19 34.85 10.51
N PRO B 172 -13.89 33.71 10.44
CA PRO B 172 -15.11 33.54 11.26
C PRO B 172 -14.85 33.69 12.75
N ALA B 173 -13.69 33.24 13.25
CA ALA B 173 -13.39 33.36 14.66
C ALA B 173 -13.25 34.80 15.12
N CYS B 174 -13.13 35.74 14.18
CA CYS B 174 -13.10 37.16 14.52
C CYS B 174 -14.34 37.90 14.07
N LYS B 175 -15.03 37.39 13.06
CA LYS B 175 -16.29 37.99 12.62
C LYS B 175 -17.39 37.81 13.66
N GLU B 176 -17.39 36.69 14.37
CA GLU B 176 -18.50 36.35 15.25
C GLU B 176 -18.11 35.86 16.64
N LYS B 177 -16.81 35.69 16.93
CA LYS B 177 -16.39 35.20 18.24
C LYS B 177 -15.61 36.22 19.06
N GLN B 178 -15.29 37.38 18.50
CA GLN B 178 -14.62 38.50 19.18
C GLN B 178 -13.15 38.24 19.49
N GLN B 179 -12.55 37.18 18.97
CA GLN B 179 -11.12 36.97 19.07
C GLN B 179 -10.51 37.22 17.70
N CYS B 180 -9.50 38.08 17.64
CA CYS B 180 -9.01 38.51 16.34
C CYS B 180 -7.50 38.60 16.22
N SER B 181 -6.73 38.21 17.23
CA SER B 181 -5.28 38.24 17.14
C SER B 181 -4.72 36.98 17.76
N LEU B 182 -3.73 36.38 17.09
CA LEU B 182 -3.01 35.26 17.68
C LEU B 182 -1.81 35.71 18.51
N VAL B 183 -1.27 36.90 18.25
CA VAL B 183 -0.16 37.40 19.04
C VAL B 183 -0.62 37.74 20.46
N ASP B 184 -1.77 38.40 20.58
CA ASP B 184 -2.31 38.84 21.85
C ASP B 184 -3.34 37.88 22.44
N GLY B 185 -3.57 36.75 21.80
CA GLY B 185 -4.57 35.82 22.30
C GLY B 185 -4.08 35.09 23.55
N LYS B 186 -5.05 34.69 24.38
CA LYS B 186 -4.77 34.03 25.64
C LYS B 186 -4.90 32.52 25.46
N ASN B 187 -4.01 31.77 26.12
CA ASN B 187 -4.04 30.31 26.11
C ASN B 187 -4.40 29.77 27.49
N THR B 188 -5.38 28.89 27.53
CA THR B 188 -5.83 28.25 28.76
C THR B 188 -5.58 26.75 28.67
N PHE B 189 -4.78 26.23 29.59
CA PHE B 189 -4.45 24.81 29.61
C PHE B 189 -5.41 24.05 30.51
N SER B 190 -5.59 22.77 30.21
CA SER B 190 -6.45 21.89 30.99
C SER B 190 -5.73 20.58 31.25
N ALA B 191 -5.86 20.09 32.50
CA ALA B 191 -5.24 18.84 32.91
C ALA B 191 -6.21 18.10 33.84
N LYS B 192 -7.34 17.68 33.26
CA LYS B 192 -8.39 17.02 34.03
C LYS B 192 -8.22 15.52 34.03
N TYR B 193 -8.72 14.88 35.09
CA TYR B 193 -8.64 13.44 35.22
C TYR B 193 -9.46 12.75 34.13
N GLN B 194 -8.95 11.60 33.68
CA GLN B 194 -9.56 10.81 32.61
C GLN B 194 -9.70 11.58 31.31
N GLN B 195 -8.87 12.60 31.11
CA GLN B 195 -8.86 13.37 29.87
C GLN B 195 -7.43 13.68 29.50
N GLU B 196 -7.23 14.08 28.24
CA GLU B 196 -5.91 14.43 27.75
C GLU B 196 -5.55 15.86 28.16
N PRO B 197 -4.28 16.13 28.42
CA PRO B 197 -3.85 17.51 28.61
C PRO B 197 -4.08 18.32 27.34
N GLY B 198 -4.79 19.44 27.47
CA GLY B 198 -5.19 20.22 26.32
C GLY B 198 -4.87 21.70 26.53
N VAL B 199 -5.08 22.45 25.45
CA VAL B 199 -4.88 23.89 25.46
C VAL B 199 -5.90 24.53 24.54
N SER B 200 -6.42 25.68 24.96
CA SER B 200 -7.31 26.49 24.14
C SER B 200 -6.65 27.84 23.86
N GLY B 201 -6.83 28.36 22.65
CA GLY B 201 -6.28 29.65 22.31
C GLY B 201 -5.50 29.63 21.02
N PRO B 202 -4.63 30.62 20.82
CA PRO B 202 -3.83 30.68 19.59
C PRO B 202 -2.87 29.52 19.45
N LEU B 203 -2.45 28.90 20.56
CA LEU B 203 -1.56 27.74 20.46
C LEU B 203 -2.24 26.59 19.74
N LYS B 204 -3.50 26.30 20.09
CA LYS B 204 -4.23 25.24 19.42
C LYS B 204 -4.56 25.63 17.98
N VAL B 205 -4.93 26.89 17.76
CA VAL B 205 -5.24 27.36 16.41
C VAL B 205 -4.02 27.25 15.52
N GLY B 206 -2.88 27.75 15.99
CA GLY B 206 -1.67 27.71 15.19
C GLY B 206 -1.20 26.30 14.90
N ASN B 207 -1.27 25.42 15.90
CA ASN B 207 -0.86 24.03 15.70
C ASN B 207 -1.74 23.35 14.65
N SER B 208 -3.06 23.55 14.73
CA SER B 208 -3.96 22.95 13.77
C SER B 208 -3.71 23.48 12.36
N LEU B 209 -3.47 24.79 12.23
CA LEU B 209 -3.25 25.38 10.91
C LEU B 209 -1.95 24.86 10.30
N VAL B 210 -0.85 24.88 11.08
CA VAL B 210 0.43 24.42 10.54
C VAL B 210 0.39 22.92 10.26
N ASP B 211 -0.36 22.16 11.06
CA ASP B 211 -0.51 20.73 10.79
C ASP B 211 -1.22 20.49 9.46
N ALA B 212 -2.27 21.26 9.19
CA ALA B 212 -2.96 21.14 7.92
C ALA B 212 -2.04 21.46 6.74
N PHE B 213 -1.26 22.53 6.86
CA PHE B 213 -0.35 22.91 5.78
C PHE B 213 0.70 21.83 5.54
N THR B 214 1.23 21.25 6.62
CA THR B 214 2.23 20.21 6.49
C THR B 214 1.65 18.97 5.82
N LEU B 215 0.43 18.59 6.20
CA LEU B 215 -0.22 17.44 5.57
C LEU B 215 -0.51 17.71 4.09
N GLN B 216 -0.91 18.94 3.76
CA GLN B 216 -1.09 19.30 2.36
C GLN B 216 0.21 19.12 1.59
N TYR B 217 1.33 19.53 2.19
CA TYR B 217 2.63 19.36 1.55
C TYR B 217 2.94 17.89 1.30
N TYR B 218 2.74 17.05 2.32
CA TYR B 218 3.05 15.63 2.18
C TYR B 218 2.11 14.93 1.22
N GLU B 219 0.85 15.37 1.14
CA GLU B 219 -0.11 14.75 0.23
C GLU B 219 0.28 14.94 -1.23
N GLY B 220 1.10 15.95 -1.53
CA GLY B 220 1.50 16.21 -2.89
C GLY B 220 0.67 17.23 -3.62
N PHE B 221 -0.15 18.01 -2.91
CA PHE B 221 -0.93 19.10 -3.51
C PHE B 221 0.01 20.01 -4.28
N PRO B 222 -0.45 20.61 -5.38
CA PRO B 222 0.36 21.64 -6.05
C PRO B 222 0.72 22.74 -5.06
N MET B 223 1.90 23.33 -5.27
CA MET B 223 2.47 24.24 -4.29
C MET B 223 1.55 25.44 -4.04
N ASP B 224 0.77 25.85 -5.02
CA ASP B 224 -0.17 26.95 -4.82
C ASP B 224 -1.36 26.55 -3.95
N GLN B 225 -1.56 25.26 -3.70
CA GLN B 225 -2.64 24.79 -2.85
C GLN B 225 -2.15 24.35 -1.47
N VAL B 226 -0.91 24.65 -1.13
CA VAL B 226 -0.37 24.40 0.20
C VAL B 226 -0.35 25.74 0.92
N ALA B 227 -1.26 25.91 1.88
CA ALA B 227 -1.46 27.21 2.53
C ALA B 227 -1.79 28.31 1.52
N TRP B 228 -2.48 27.93 0.45
CA TRP B 228 -2.85 28.86 -0.63
C TRP B 228 -1.61 29.49 -1.27
N GLY B 229 -0.51 28.76 -1.30
CA GLY B 229 0.71 29.22 -1.93
C GLY B 229 1.47 30.28 -1.15
N GLU B 230 1.11 30.53 0.11
CA GLU B 230 1.72 31.63 0.85
C GLU B 230 3.06 31.27 1.48
N ILE B 231 3.31 29.99 1.75
CA ILE B 231 4.59 29.57 2.29
C ILE B 231 5.59 29.56 1.13
N LYS B 232 6.58 30.46 1.18
CA LYS B 232 7.46 30.69 0.06
C LYS B 232 8.93 30.37 0.33
N SER B 233 9.29 30.00 1.56
CA SER B 233 10.68 29.70 1.87
C SER B 233 10.74 28.65 2.96
N ASP B 234 11.90 27.99 3.04
CA ASP B 234 12.12 27.02 4.11
C ASP B 234 12.17 27.69 5.47
N GLN B 235 12.68 28.92 5.54
CA GLN B 235 12.68 29.65 6.80
C GLN B 235 11.25 29.92 7.27
N GLN B 236 10.34 30.16 6.33
CA GLN B 236 8.93 30.30 6.70
C GLN B 236 8.37 29.00 7.22
N TRP B 237 8.74 27.87 6.61
CA TRP B 237 8.35 26.57 7.16
C TRP B 237 8.89 26.39 8.57
N LYS B 238 10.15 26.77 8.81
CA LYS B 238 10.72 26.65 10.14
C LYS B 238 9.97 27.53 11.14
N VAL B 239 9.63 28.76 10.74
CA VAL B 239 8.90 29.66 11.63
C VAL B 239 7.51 29.11 11.93
N LEU B 240 6.84 28.55 10.91
CA LEU B 240 5.51 27.98 11.13
C LEU B 240 5.60 26.72 11.99
N SER B 241 6.63 25.90 11.77
CA SER B 241 6.78 24.67 12.53
C SER B 241 7.05 24.93 14.00
N LYS B 242 7.54 26.13 14.35
CA LYS B 242 7.72 26.49 15.76
C LYS B 242 6.42 26.33 16.55
N LEU B 243 5.28 26.64 15.92
CA LEU B 243 4.00 26.50 16.61
C LEU B 243 3.69 25.05 16.92
N LYS B 244 3.88 24.16 15.94
CA LYS B 244 3.61 22.75 16.15
C LYS B 244 4.50 22.16 17.23
N ASN B 245 5.81 22.45 17.16
CA ASN B 245 6.72 21.95 18.17
C ASN B 245 6.41 22.54 19.54
N GLY B 246 6.04 23.82 19.59
CA GLY B 246 5.66 24.43 20.85
C GLY B 246 4.39 23.83 21.43
N TYR B 247 3.42 23.55 20.57
CA TYR B 247 2.19 22.89 21.00
C TYR B 247 2.49 21.53 21.63
N GLN B 248 3.31 20.72 20.96
CA GLN B 248 3.64 19.39 21.47
C GLN B 248 4.44 19.48 22.77
N ASP B 249 5.40 20.40 22.84
CA ASP B 249 6.23 20.51 24.03
C ASP B 249 5.44 21.00 25.24
N SER B 250 4.60 22.01 25.05
CA SER B 250 3.82 22.54 26.17
C SER B 250 2.93 21.46 26.78
N LEU B 251 2.31 20.64 25.94
CA LEU B 251 1.35 19.64 26.42
C LEU B 251 2.04 18.43 27.03
N PHE B 252 3.18 18.00 26.48
CA PHE B 252 3.74 16.69 26.82
C PHE B 252 5.19 16.70 27.27
N THR B 253 5.82 17.87 27.46
CA THR B 253 7.22 17.87 27.90
C THR B 253 7.37 17.98 29.40
N SER B 254 6.31 18.29 30.13
CA SER B 254 6.37 18.21 31.59
C SER B 254 6.57 16.75 31.99
N PRO B 255 7.58 16.43 32.80
CA PRO B 255 7.85 15.02 33.11
C PRO B 255 6.71 14.35 33.87
N GLU B 256 6.04 15.08 34.76
CA GLU B 256 4.96 14.49 35.55
C GLU B 256 3.80 14.05 34.66
N VAL B 257 3.35 14.95 33.78
CA VAL B 257 2.22 14.63 32.91
C VAL B 257 2.59 13.52 31.94
N ALA B 258 3.77 13.59 31.34
CA ALA B 258 4.16 12.60 30.34
C ALA B 258 4.33 11.23 30.97
N ARG B 259 4.95 11.18 32.15
CA ARG B 259 5.15 9.91 32.84
C ARG B 259 3.84 9.29 33.30
N ASN B 260 2.78 10.09 33.45
CA ASN B 260 1.48 9.56 33.85
C ASN B 260 0.63 9.14 32.66
N VAL B 261 0.53 9.99 31.64
CA VAL B 261 -0.38 9.69 30.53
C VAL B 261 0.18 8.56 29.66
N ALA B 262 1.50 8.44 29.59
CA ALA B 262 2.14 7.39 28.79
C ALA B 262 2.46 6.15 29.61
N LYS B 263 1.99 6.08 30.86
CA LYS B 263 2.32 4.93 31.70
C LYS B 263 1.81 3.61 31.14
N PRO B 264 0.59 3.50 30.59
CA PRO B 264 0.20 2.20 30.00
C PRO B 264 1.06 1.81 28.82
N LEU B 265 1.48 2.78 28.01
CA LEU B 265 2.30 2.48 26.84
C LEU B 265 3.70 2.04 27.25
N VAL B 266 4.32 2.78 28.18
CA VAL B 266 5.63 2.40 28.68
C VAL B 266 5.56 1.04 29.36
N SER B 267 4.46 0.77 30.08
CA SER B 267 4.26 -0.52 30.71
C SER B 267 4.22 -1.64 29.67
N TYR B 268 3.52 -1.41 28.55
CA TYR B 268 3.48 -2.42 27.50
C TYR B 268 4.86 -2.65 26.89
N ILE B 269 5.58 -1.56 26.62
CA ILE B 269 6.89 -1.70 25.97
C ILE B 269 7.86 -2.43 26.89
N ASP B 270 7.84 -2.09 28.17
CA ASP B 270 8.70 -2.77 29.14
C ASP B 270 8.38 -4.26 29.22
N LYS B 271 7.09 -4.61 29.19
CA LYS B 271 6.70 -6.03 29.23
C LYS B 271 7.05 -6.73 27.92
N ALA B 272 6.83 -6.08 26.78
CA ALA B 272 6.98 -6.72 25.49
C ALA B 272 8.43 -6.79 25.01
N LEU B 273 9.33 -6.03 25.62
CA LEU B 273 10.72 -5.92 25.19
C LEU B 273 11.69 -6.68 26.08
N VAL B 274 11.48 -6.63 27.40
CA VAL B 274 12.39 -7.28 28.34
C VAL B 274 12.11 -8.78 28.43
N THR B 275 10.99 -9.23 27.89
CA THR B 275 10.64 -10.65 27.94
C THR B 275 11.46 -11.43 26.91
N ASP B 276 12.06 -12.51 27.36
CA ASP B 276 12.77 -13.47 26.51
C ASP B 276 12.06 -14.81 26.59
N ARG B 277 10.74 -14.76 26.69
CA ARG B 277 9.89 -15.93 26.92
C ARG B 277 9.75 -16.76 25.66
N THR B 278 9.18 -17.96 25.84
CA THR B 278 8.87 -18.85 24.74
C THR B 278 7.60 -18.40 24.04
N SER B 279 7.58 -18.56 22.72
CA SER B 279 6.42 -18.22 21.89
C SER B 279 6.00 -16.77 22.08
N ALA B 280 6.95 -15.90 22.41
CA ALA B 280 6.69 -14.47 22.48
C ALA B 280 7.02 -13.80 21.15
N PRO B 281 6.34 -12.72 20.80
CA PRO B 281 6.63 -12.05 19.53
C PRO B 281 8.04 -11.47 19.50
N LYS B 282 8.75 -11.74 18.42
CA LYS B 282 10.08 -11.18 18.23
C LYS B 282 10.05 -9.80 17.61
N ILE B 283 8.98 -9.48 16.87
CA ILE B 283 8.81 -8.19 16.22
C ILE B 283 7.46 -7.63 16.64
N THR B 284 7.47 -6.48 17.32
CA THR B 284 6.26 -5.82 17.77
C THR B 284 6.13 -4.46 17.09
N VAL B 285 4.93 -4.16 16.61
CA VAL B 285 4.63 -2.89 15.96
C VAL B 285 3.44 -2.26 16.67
N LEU B 286 3.68 -1.13 17.34
CA LEU B 286 2.63 -0.39 18.04
C LEU B 286 2.34 0.89 17.26
N VAL B 287 1.09 1.05 16.84
CA VAL B 287 0.66 2.19 16.03
C VAL B 287 -0.28 3.04 16.86
N GLY B 288 0.21 4.18 17.33
CA GLY B 288 -0.61 5.13 18.07
C GLY B 288 -0.64 6.51 17.44
N HIS B 289 -0.30 7.53 18.21
CA HIS B 289 -0.42 8.92 17.76
C HIS B 289 0.86 9.66 18.13
N ASP B 290 1.04 10.84 17.54
CA ASP B 290 2.20 11.66 17.87
C ASP B 290 2.22 12.02 19.35
N SER B 291 1.05 12.15 19.97
CA SER B 291 0.98 12.36 21.41
C SER B 291 1.63 11.21 22.16
N ASN B 292 1.35 9.97 21.73
CA ASN B 292 1.95 8.80 22.36
C ASN B 292 3.47 8.85 22.27
N ILE B 293 4.00 9.21 21.10
CA ILE B 293 5.44 9.25 20.91
C ILE B 293 6.06 10.37 21.74
N ALA B 294 5.40 11.53 21.79
CA ALA B 294 5.93 12.66 22.55
C ALA B 294 5.95 12.36 24.04
N SER B 295 4.85 11.83 24.58
CA SER B 295 4.82 11.49 25.99
C SER B 295 5.79 10.36 26.30
N LEU B 296 5.97 9.41 25.38
CA LEU B 296 6.93 8.33 25.58
C LEU B 296 8.36 8.86 25.60
N LEU B 297 8.67 9.80 24.71
CA LEU B 297 10.02 10.37 24.68
C LEU B 297 10.37 11.06 25.98
N THR B 298 9.43 11.80 26.56
CA THR B 298 9.69 12.49 27.82
C THR B 298 9.67 11.54 29.01
N ALA B 299 8.77 10.56 29.00
CA ALA B 299 8.64 9.66 30.15
C ALA B 299 9.91 8.83 30.34
N LEU B 300 10.49 8.36 29.24
CA LEU B 300 11.74 7.61 29.31
C LEU B 300 12.96 8.50 29.37
N ASP B 301 12.77 9.83 29.44
CA ASP B 301 13.86 10.80 29.57
C ASP B 301 14.86 10.66 28.43
N PHE B 302 14.36 10.65 27.20
CA PHE B 302 15.22 10.64 26.03
C PHE B 302 16.07 11.90 25.98
N LYS B 303 17.32 11.75 25.55
CA LYS B 303 18.14 12.91 25.26
C LYS B 303 17.57 13.67 24.07
N PRO B 304 17.85 14.97 23.98
CA PRO B 304 17.41 15.72 22.79
C PRO B 304 17.99 15.11 21.53
N TYR B 305 17.21 15.19 20.45
CA TYR B 305 17.60 14.64 19.16
C TYR B 305 17.20 15.63 18.08
N GLN B 306 17.85 15.50 16.93
CA GLN B 306 17.55 16.34 15.77
C GLN B 306 17.33 15.45 14.57
N LEU B 307 16.14 15.51 13.99
CA LEU B 307 15.88 14.89 12.70
C LEU B 307 16.27 15.87 11.62
N HIS B 308 16.92 15.37 10.58
CA HIS B 308 17.38 16.19 9.46
C HIS B 308 16.50 15.97 8.25
N ASP B 309 16.39 17.02 7.42
CA ASP B 309 15.51 17.01 6.26
C ASP B 309 14.06 16.83 6.68
N GLN B 310 13.72 17.30 7.88
CA GLN B 310 12.39 17.15 8.45
C GLN B 310 12.13 18.35 9.35
N ASN B 311 10.96 18.96 9.21
CA ASN B 311 10.59 20.10 10.04
C ASN B 311 9.74 19.71 11.24
N GLU B 312 9.43 18.42 11.40
CA GLU B 312 8.68 17.93 12.54
C GLU B 312 9.61 17.18 13.49
N ARG B 313 9.17 17.05 14.73
CA ARG B 313 9.86 16.25 15.74
C ARG B 313 9.40 14.80 15.72
N THR B 314 8.11 14.58 15.48
CA THR B 314 7.50 13.25 15.45
C THR B 314 6.79 13.12 14.12
N PRO B 315 7.52 12.91 13.04
CA PRO B 315 6.94 13.01 11.70
C PRO B 315 5.98 11.86 11.41
N ILE B 316 5.21 12.05 10.34
CA ILE B 316 4.15 11.12 9.98
C ILE B 316 4.69 9.71 9.77
N GLY B 317 5.75 9.56 8.98
CA GLY B 317 6.28 8.25 8.70
C GLY B 317 7.24 7.70 9.73
N GLY B 318 7.68 8.53 10.66
CA GLY B 318 8.72 8.13 11.59
C GLY B 318 8.28 7.08 12.58
N LYS B 319 9.24 6.24 12.98
CA LYS B 319 9.03 5.14 13.91
C LYS B 319 10.23 5.03 14.83
N ILE B 320 9.98 4.82 16.12
CA ILE B 320 11.02 4.61 17.10
C ILE B 320 11.24 3.11 17.26
N VAL B 321 12.39 2.64 16.80
CA VAL B 321 12.69 1.21 16.75
C VAL B 321 13.57 0.86 17.94
N PHE B 322 13.00 0.16 18.91
CA PHE B 322 13.77 -0.40 20.02
C PHE B 322 14.33 -1.76 19.59
N GLN B 323 15.62 -1.95 19.81
CA GLN B 323 16.32 -3.15 19.34
C GLN B 323 17.09 -3.76 20.49
N ARG B 324 16.71 -4.97 20.89
CA ARG B 324 17.50 -5.74 21.84
C ARG B 324 18.44 -6.65 21.09
N TRP B 325 19.75 -6.44 21.27
CA TRP B 325 20.78 -7.23 20.61
C TRP B 325 21.45 -8.12 21.64
N HIS B 326 21.97 -9.26 21.17
CA HIS B 326 22.69 -10.19 22.03
C HIS B 326 24.15 -10.23 21.59
N ASP B 327 25.05 -9.80 22.47
CA ASP B 327 26.49 -9.94 22.24
C ASP B 327 26.87 -11.39 22.49
N SER B 328 27.22 -12.11 21.42
CA SER B 328 27.53 -13.54 21.56
C SER B 328 28.89 -13.76 22.20
N LYS B 329 29.86 -12.90 21.90
CA LYS B 329 31.18 -13.02 22.51
C LYS B 329 31.11 -12.82 24.02
N ALA B 330 30.45 -11.75 24.46
CA ALA B 330 30.37 -11.42 25.88
C ALA B 330 29.16 -12.03 26.60
N ASN B 331 28.22 -12.63 25.87
CA ASN B 331 27.01 -13.22 26.43
C ASN B 331 26.21 -12.19 27.22
N ARG B 332 25.93 -11.06 26.58
CA ARG B 332 25.18 -9.99 27.22
C ARG B 332 24.18 -9.41 26.23
N ASP B 333 23.10 -8.84 26.77
CA ASP B 333 22.07 -8.19 25.97
C ASP B 333 22.29 -6.68 25.99
N LEU B 334 22.07 -6.05 24.84
CA LEU B 334 22.24 -4.62 24.70
C LEU B 334 21.01 -4.03 24.04
N MET B 335 20.81 -2.73 24.25
CA MET B 335 19.69 -1.99 23.69
C MET B 335 20.21 -0.90 22.76
N LYS B 336 19.62 -0.81 21.58
CA LYS B 336 19.90 0.28 20.65
C LYS B 336 18.58 0.82 20.13
N ILE B 337 18.39 2.13 20.21
CA ILE B 337 17.15 2.78 19.84
C ILE B 337 17.44 3.75 18.70
N GLU B 338 16.64 3.67 17.64
CA GLU B 338 16.79 4.55 16.50
C GLU B 338 15.43 5.12 16.10
N TYR B 339 15.45 6.33 15.59
CA TYR B 339 14.28 6.95 14.97
C TYR B 339 14.42 6.77 13.46
N VAL B 340 13.58 5.92 12.89
CA VAL B 340 13.58 5.65 11.46
C VAL B 340 12.42 6.41 10.83
N TYR B 341 12.74 7.36 9.95
CA TYR B 341 11.76 8.27 9.42
C TYR B 341 12.08 8.58 7.96
N GLN B 342 11.13 9.23 7.30
CA GLN B 342 11.29 9.69 5.93
C GLN B 342 11.49 11.20 5.93
N SER B 343 12.32 11.68 5.01
CA SER B 343 12.47 13.10 4.82
C SER B 343 11.17 13.69 4.25
N ALA B 344 11.08 15.02 4.28
CA ALA B 344 9.92 15.68 3.68
C ALA B 344 9.83 15.38 2.19
N GLU B 345 10.97 15.38 1.50
CA GLU B 345 10.98 15.02 0.08
C GLU B 345 10.53 13.58 -0.13
N GLN B 346 11.02 12.67 0.71
CA GLN B 346 10.62 11.27 0.61
C GLN B 346 9.12 11.11 0.84
N LEU B 347 8.56 11.87 1.78
CA LEU B 347 7.13 11.81 2.05
C LEU B 347 6.33 12.37 0.88
N ARG B 348 6.67 13.59 0.44
CA ARG B 348 5.90 14.24 -0.62
C ARG B 348 6.03 13.50 -1.94
N ASN B 349 7.24 13.03 -2.27
CA ASN B 349 7.48 12.36 -3.55
C ASN B 349 7.12 10.89 -3.53
N ALA B 350 6.79 10.32 -2.36
CA ALA B 350 6.48 8.90 -2.22
C ALA B 350 7.61 8.03 -2.76
N ASP B 351 8.84 8.38 -2.40
CA ASP B 351 10.00 7.63 -2.85
C ASP B 351 9.99 6.22 -2.28
N ALA B 352 10.39 5.26 -3.11
CA ALA B 352 10.63 3.91 -2.61
C ALA B 352 11.81 3.91 -1.65
N LEU B 353 11.73 3.07 -0.63
CA LEU B 353 12.78 2.94 0.38
C LEU B 353 13.38 1.55 0.27
N THR B 354 14.65 1.49 -0.11
CA THR B 354 15.40 0.25 -0.21
C THR B 354 16.70 0.40 0.58
N LEU B 355 17.42 -0.71 0.73
CA LEU B 355 18.73 -0.63 1.39
C LEU B 355 19.69 0.27 0.63
N GLN B 356 19.56 0.33 -0.70
CA GLN B 356 20.39 1.22 -1.49
C GLN B 356 19.97 2.68 -1.30
N ALA B 357 18.66 2.94 -1.21
CA ALA B 357 18.11 4.28 -1.02
C ALA B 357 17.31 4.27 0.28
N PRO B 358 17.98 4.32 1.42
CA PRO B 358 17.31 4.00 2.69
C PRO B 358 16.51 5.16 3.24
N ALA B 359 15.66 4.83 4.21
CA ALA B 359 15.02 5.84 5.03
C ALA B 359 16.06 6.47 5.95
N GLN B 360 15.74 7.66 6.45
CA GLN B 360 16.62 8.34 7.38
C GLN B 360 16.64 7.61 8.71
N ARG B 361 17.81 7.58 9.35
CA ARG B 361 17.97 6.94 10.65
C ARG B 361 18.79 7.83 11.57
N VAL B 362 18.33 7.95 12.81
CA VAL B 362 19.03 8.71 13.85
C VAL B 362 19.03 7.86 15.12
N THR B 363 20.22 7.69 15.70
CA THR B 363 20.36 6.92 16.93
C THR B 363 19.91 7.77 18.10
N LEU B 364 18.94 7.26 18.87
CA LEU B 364 18.46 7.95 20.05
C LEU B 364 19.19 7.44 21.29
N GLU B 365 19.02 8.15 22.41
CA GLU B 365 19.73 7.81 23.63
C GLU B 365 18.88 8.16 24.83
N LEU B 366 18.80 7.24 25.80
CA LEU B 366 18.14 7.51 27.06
C LEU B 366 19.13 8.10 28.06
N SER B 367 18.67 9.09 28.81
CA SER B 367 19.53 9.71 29.82
C SER B 367 20.04 8.69 30.83
N GLY B 368 19.22 7.70 31.17
CA GLY B 368 19.60 6.65 32.09
C GLY B 368 20.37 5.50 31.50
N CYS B 369 20.42 5.40 30.16
CA CYS B 369 21.13 4.34 29.46
C CYS B 369 22.14 5.01 28.53
N PRO B 370 23.31 5.37 29.04
CA PRO B 370 24.30 6.07 28.20
C PRO B 370 24.76 5.20 27.04
N ILE B 371 24.87 5.83 25.88
CA ILE B 371 25.15 5.13 24.62
C ILE B 371 26.65 5.05 24.40
N ASP B 372 27.11 3.91 23.87
CA ASP B 372 28.52 3.70 23.61
C ASP B 372 28.89 4.32 22.26
N ALA B 373 30.09 3.99 21.76
CA ALA B 373 30.52 4.51 20.47
C ALA B 373 29.72 3.93 19.31
N ASP B 374 29.13 2.74 19.48
CA ASP B 374 28.38 2.09 18.43
C ASP B 374 26.87 2.26 18.57
N GLY B 375 26.42 3.10 19.50
CA GLY B 375 25.01 3.34 19.67
C GLY B 375 24.28 2.33 20.54
N PHE B 376 25.01 1.50 21.28
CA PHE B 376 24.43 0.50 22.15
C PHE B 376 24.58 0.90 23.61
N CYS B 377 23.67 0.38 24.43
CA CYS B 377 23.71 0.58 25.87
C CYS B 377 23.25 -0.70 26.55
N PRO B 378 23.68 -0.95 27.79
CA PRO B 378 23.40 -2.25 28.41
C PRO B 378 21.92 -2.43 28.70
N MET B 379 21.45 -3.66 28.52
CA MET B 379 20.03 -3.95 28.65
C MET B 379 19.53 -3.76 30.07
N ASP B 380 20.38 -4.00 31.08
CA ASP B 380 19.93 -3.87 32.46
C ASP B 380 19.63 -2.42 32.81
N LYS B 381 20.48 -1.49 32.36
CA LYS B 381 20.20 -0.08 32.56
C LYS B 381 18.93 0.36 31.84
N PHE B 382 18.65 -0.23 30.67
CA PHE B 382 17.45 0.16 29.94
C PHE B 382 16.18 -0.27 30.67
N ASP B 383 16.14 -1.53 31.13
CA ASP B 383 14.98 -1.98 31.89
C ASP B 383 14.86 -1.22 33.20
N SER B 384 15.99 -0.86 33.81
CA SER B 384 15.97 -0.06 35.03
C SER B 384 15.26 1.26 34.80
N VAL B 385 15.60 1.95 33.70
CA VAL B 385 14.90 3.19 33.35
C VAL B 385 13.43 2.93 33.13
N LEU B 386 13.10 1.85 32.41
CA LEU B 386 11.70 1.56 32.11
C LEU B 386 10.91 1.19 33.36
N ASN B 387 11.52 0.42 34.27
CA ASN B 387 10.78 0.02 35.47
C ASN B 387 10.58 1.19 36.41
N GLU B 388 11.51 2.14 36.43
CA GLU B 388 11.33 3.34 37.25
C GLU B 388 10.29 4.27 36.64
N ALA B 389 10.15 4.27 35.31
CA ALA B 389 9.16 5.12 34.66
C ALA B 389 7.75 4.56 34.82
N VAL B 390 7.61 3.24 34.82
CA VAL B 390 6.30 2.62 35.02
C VAL B 390 5.84 2.79 36.46
N LYS B 391 6.77 3.00 37.39
CA LYS B 391 6.42 3.17 38.80
C LYS B 391 6.06 4.63 39.10
#